data_6PKC
#
_entry.id   6PKC
#
_cell.length_a   58.970
_cell.length_b   86.080
_cell.length_c   202.040
_cell.angle_alpha   90.000
_cell.angle_beta   90.000
_cell.angle_gamma   90.000
#
_symmetry.space_group_name_H-M   'P 21 21 21'
#
loop_
_entity.id
_entity.type
_entity.pdbx_description
1 polymer Menin,Menin
2 non-polymer 5-fluoro-2-({4-[7-({trans-4-[(methylsulfonyl)amino]cyclohexyl}methyl)-2,7-diazaspiro[3.5]nonan-2-yl]pyrimidin-5-yl}oxy)-N,N-di(propan-2-yl)benzamide
3 water water
#
_entity_poly.entity_id   1
_entity_poly.type   'polypeptide(L)'
_entity_poly.pdbx_seq_one_letter_code
;GSGLKTAQKTLFPLRSIDDVVRLFAAELGREEPDLVLLSLVLGFVEHFLAVNRVIPTNVPELTFQPSPAPDPPGGLTYFP
VADLSIIAALYARFTAQIRGAVDLSLYPREGGVSSRELVKKVSDVIWNSLSRSYFKDRAHIQSLFSFITGTKLDSSGVAF
AVVGACQALGLRDVHLALSEDHAWVVFGPNGEQTAEVTWHGKGNEDRRGQTVNAGVAERSWLYLKGSYMRCDRKMEVAFM
VCAINPSIDLHTDSLELLQLQQKLLWLLYDLGHLERYPMALGNLADLEELEPTPGRPDPLTLYHKGIASAKTYYRDEHIY
PYMYLAGYHCRNRNVREALQAWADTATVIQDYNYCREDEEIYKEFFEVANDVIPNLLKEAASLLEAGEERPGEQSQGTQS
QGSALQDPECFAHLLRFYDGICKWEEGSPTPVLHVGWATFLVQSLGRFEGQVRQKVRITFQSEKMKGMKELLVATKINSS
AIKLQLTAQS
;
_entity_poly.pdbx_strand_id   A,B
#
loop_
_chem_comp.id
_chem_comp.type
_chem_comp.name
_chem_comp.formula
OP4 non-polymer 5-fluoro-2-({4-[7-({trans-4-[(methylsulfonyl)amino]cyclohexyl}methyl)-2,7-diazaspiro[3.5]nonan-2-yl]pyrimidin-5-yl}oxy)-N,N-di(propan-2-yl)benzamide 'C32 H47 F N6 O4 S'
#
# COMPACT_ATOMS: atom_id res chain seq x y z
N GLY A 3 47.27 2.10 12.82
CA GLY A 3 47.01 0.68 13.19
C GLY A 3 46.36 0.51 14.56
N LEU A 4 45.92 -0.69 14.83
CA LEU A 4 45.13 -0.97 16.03
C LEU A 4 45.99 -1.07 17.29
N LYS A 5 45.40 -0.74 18.42
CA LYS A 5 46.04 -0.91 19.72
C LYS A 5 46.04 -2.42 20.09
N THR A 6 46.90 -2.79 21.03
CA THR A 6 47.04 -4.18 21.49
C THR A 6 45.77 -4.82 22.06
N ALA A 7 45.12 -4.15 23.01
CA ALA A 7 43.86 -4.64 23.57
C ALA A 7 42.68 -4.75 22.56
N GLN A 8 42.76 -4.05 21.41
CA GLN A 8 41.77 -4.27 20.31
C GLN A 8 41.99 -5.60 19.54
N LYS A 9 43.26 -6.01 19.43
CA LYS A 9 43.62 -7.23 18.68
C LYS A 9 43.30 -8.54 19.38
N THR A 10 43.33 -8.57 20.70
CA THR A 10 43.20 -9.85 21.46
C THR A 10 41.79 -10.46 21.37
N LEU A 11 40.81 -9.63 21.04
CA LEU A 11 39.42 -10.05 20.85
C LEU A 11 39.18 -10.77 19.52
N PHE A 12 40.14 -10.71 18.58
CA PHE A 12 40.02 -11.38 17.29
C PHE A 12 40.70 -12.75 17.33
N PRO A 13 40.32 -13.70 16.47
CA PRO A 13 39.28 -13.53 15.46
C PRO A 13 37.88 -13.55 16.04
N LEU A 14 36.94 -12.90 15.33
CA LEU A 14 35.56 -12.94 15.71
C LEU A 14 34.91 -14.15 15.03
N ARG A 15 34.40 -15.08 15.85
CA ARG A 15 33.78 -16.31 15.31
C ARG A 15 32.31 -16.50 15.58
N SER A 16 31.69 -15.55 16.22
CA SER A 16 30.27 -15.62 16.44
C SER A 16 29.74 -14.19 16.64
N ILE A 17 28.42 -14.12 16.62
CA ILE A 17 27.70 -12.94 17.13
C ILE A 17 28.13 -12.47 18.49
N ASP A 18 28.19 -13.40 19.46
CA ASP A 18 28.67 -13.01 20.81
C ASP A 18 30.06 -12.39 20.83
N ASP A 19 30.97 -12.86 19.95
CA ASP A 19 32.29 -12.29 19.87
C ASP A 19 32.19 -10.80 19.39
N VAL A 20 31.29 -10.56 18.47
CA VAL A 20 31.10 -9.13 17.98
C VAL A 20 30.58 -8.29 19.12
N VAL A 21 29.64 -8.83 19.87
CA VAL A 21 29.09 -8.14 20.99
C VAL A 21 30.20 -7.81 22.00
N ARG A 22 31.04 -8.81 22.29
CA ARG A 22 32.20 -8.55 23.19
C ARG A 22 33.13 -7.44 22.72
N LEU A 23 33.32 -7.35 21.44
CA LEU A 23 34.17 -6.32 20.89
C LEU A 23 33.50 -4.94 21.11
N PHE A 24 32.22 -4.84 20.82
CA PHE A 24 31.49 -3.57 21.09
C PHE A 24 31.52 -3.23 22.60
N ALA A 25 31.32 -4.23 23.46
CA ALA A 25 31.37 -3.99 24.91
C ALA A 25 32.71 -3.41 25.33
N ALA A 26 33.80 -3.96 24.78
CA ALA A 26 35.18 -3.46 25.05
C ALA A 26 35.35 -2.05 24.57
N GLU A 27 34.96 -1.80 23.32
CA GLU A 27 35.08 -0.43 22.80
C GLU A 27 34.24 0.62 23.50
N LEU A 28 33.03 0.24 23.89
CA LEU A 28 32.15 1.14 24.62
C LEU A 28 32.62 1.41 26.03
N GLY A 29 33.49 0.54 26.57
CA GLY A 29 34.19 0.85 27.84
C GLY A 29 35.27 1.92 27.78
N ARG A 30 35.65 2.37 26.58
CA ARG A 30 36.66 3.40 26.39
C ARG A 30 36.03 4.80 26.23
N GLU A 31 36.81 5.85 26.45
CA GLU A 31 36.28 7.22 26.26
C GLU A 31 36.02 7.52 24.78
N GLU A 32 36.81 6.94 23.88
CA GLU A 32 36.55 7.10 22.47
C GLU A 32 36.40 5.71 21.84
N PRO A 33 35.19 5.12 21.87
CA PRO A 33 35.06 3.92 21.02
C PRO A 33 35.51 4.15 19.60
N ASP A 34 36.13 3.14 18.99
CA ASP A 34 36.73 3.29 17.68
C ASP A 34 35.66 3.07 16.62
N LEU A 35 35.18 4.18 16.01
CA LEU A 35 34.04 4.09 15.06
C LEU A 35 34.43 3.38 13.80
N VAL A 36 35.66 3.60 13.36
CA VAL A 36 36.12 2.98 12.18
C VAL A 36 36.12 1.45 12.31
N LEU A 37 36.75 0.99 13.38
CA LEU A 37 36.91 -0.46 13.61
C LEU A 37 35.54 -1.13 13.70
N LEU A 38 34.67 -0.51 14.50
CA LEU A 38 33.36 -1.07 14.73
C LEU A 38 32.54 -1.08 13.44
N SER A 39 32.60 -0.04 12.62
CA SER A 39 31.80 0.01 11.38
C SER A 39 32.35 -0.96 10.35
N LEU A 40 33.67 -1.06 10.25
CA LEU A 40 34.28 -2.08 9.43
C LEU A 40 33.81 -3.51 9.80
N VAL A 41 33.76 -3.81 11.09
CA VAL A 41 33.34 -5.16 11.52
C VAL A 41 31.89 -5.42 11.11
N LEU A 42 31.00 -4.46 11.41
CA LEU A 42 29.60 -4.64 11.06
C LEU A 42 29.43 -4.76 9.61
N GLY A 43 30.12 -3.97 8.82
CA GLY A 43 29.94 -4.04 7.41
C GLY A 43 30.46 -5.36 6.80
N PHE A 44 31.58 -5.85 7.34
CA PHE A 44 32.14 -7.16 6.90
C PHE A 44 31.10 -8.27 7.17
N VAL A 45 30.58 -8.28 8.37
CA VAL A 45 29.65 -9.32 8.79
C VAL A 45 28.39 -9.23 7.99
N GLU A 46 27.84 -8.01 7.81
CA GLU A 46 26.68 -7.82 6.92
C GLU A 46 26.88 -8.24 5.49
N HIS A 47 28.02 -7.86 4.93
CA HIS A 47 28.27 -8.15 3.56
C HIS A 47 28.17 -9.67 3.32
N PHE A 48 28.73 -10.45 4.24
CA PHE A 48 28.73 -11.91 4.02
C PHE A 48 27.49 -12.62 4.55
N LEU A 49 26.69 -12.00 5.43
CA LEU A 49 25.45 -12.56 5.91
C LEU A 49 24.25 -12.13 5.12
N ALA A 50 24.33 -11.02 4.41
CA ALA A 50 23.19 -10.60 3.67
C ALA A 50 23.28 -10.99 2.15
N VAL A 51 23.50 -12.31 1.93
CA VAL A 51 23.47 -13.07 0.62
C VAL A 51 22.45 -14.22 0.77
N ASN A 52 21.72 -14.53 -0.30
CA ASN A 52 20.65 -15.56 -0.23
C ASN A 52 21.03 -17.07 -0.07
N ARG A 53 22.16 -17.55 -0.59
CA ARG A 53 22.70 -18.92 -0.25
C ARG A 53 21.78 -20.11 -0.61
N SER A 67 14.14 -41.62 7.84
CA SER A 67 15.53 -41.29 7.42
C SER A 67 15.74 -39.77 7.39
N PRO A 68 16.96 -39.34 7.69
CA PRO A 68 17.31 -37.91 7.75
C PRO A 68 16.98 -37.15 6.45
N ALA A 69 16.61 -35.88 6.58
CA ALA A 69 16.35 -35.02 5.39
C ALA A 69 17.64 -34.86 4.57
N PRO A 70 17.50 -34.72 3.28
CA PRO A 70 18.65 -34.58 2.39
C PRO A 70 19.45 -33.30 2.65
N ASP A 71 18.75 -32.26 3.09
CA ASP A 71 19.27 -30.93 3.40
C ASP A 71 18.80 -30.63 4.79
N PRO A 72 19.53 -29.80 5.53
CA PRO A 72 19.03 -29.48 6.87
C PRO A 72 17.57 -29.03 6.88
N PRO A 73 16.70 -29.68 7.67
CA PRO A 73 15.26 -29.37 7.52
C PRO A 73 14.81 -28.00 8.00
N GLY A 74 15.55 -27.35 8.91
CA GLY A 74 15.30 -25.93 9.27
C GLY A 74 16.27 -24.93 8.65
N GLY A 75 17.01 -25.33 7.62
CA GLY A 75 18.11 -24.57 7.07
C GLY A 75 19.28 -24.42 8.06
N LEU A 76 20.20 -23.50 7.74
CA LEU A 76 21.44 -23.32 8.41
C LEU A 76 21.56 -21.88 8.88
N THR A 77 22.24 -21.67 9.99
CA THR A 77 22.73 -20.33 10.35
C THR A 77 24.21 -20.29 10.09
N TYR A 78 24.73 -19.08 9.82
CA TYR A 78 26.06 -18.85 9.32
C TYR A 78 26.77 -17.76 10.12
N PHE A 79 28.08 -17.81 10.16
CA PHE A 79 28.88 -16.67 10.56
C PHE A 79 30.13 -16.59 9.75
N PRO A 80 30.46 -15.39 9.22
CA PRO A 80 31.72 -15.22 8.53
C PRO A 80 32.86 -14.83 9.46
N VAL A 81 33.82 -15.75 9.67
CA VAL A 81 34.84 -15.51 10.66
C VAL A 81 35.57 -14.28 10.18
N ALA A 82 35.89 -13.40 11.13
CA ALA A 82 36.56 -12.15 10.84
C ALA A 82 37.95 -12.16 11.50
N ASP A 83 38.95 -12.38 10.67
CA ASP A 83 40.36 -12.47 11.05
C ASP A 83 40.90 -11.07 11.20
N LEU A 84 41.76 -10.89 12.19
CA LEU A 84 42.42 -9.64 12.48
C LEU A 84 43.14 -9.14 11.24
N SER A 85 43.78 -10.04 10.53
CA SER A 85 44.53 -9.63 9.34
C SER A 85 43.63 -8.96 8.31
N ILE A 86 42.42 -9.46 8.10
CA ILE A 86 41.49 -8.82 7.13
C ILE A 86 41.01 -7.43 7.65
N ILE A 87 40.53 -7.42 8.89
CA ILE A 87 39.94 -6.18 9.45
C ILE A 87 41.04 -5.12 9.64
N ALA A 88 42.18 -5.49 10.25
CA ALA A 88 43.35 -4.57 10.31
C ALA A 88 43.76 -3.94 8.98
N ALA A 89 43.73 -4.71 7.91
CA ALA A 89 44.13 -4.18 6.62
C ALA A 89 43.13 -3.09 6.15
N LEU A 90 41.83 -3.41 6.26
CA LEU A 90 40.79 -2.44 5.86
C LEU A 90 40.91 -1.20 6.74
N TYR A 91 41.13 -1.38 8.04
CA TYR A 91 41.31 -0.28 8.94
C TYR A 91 42.48 0.59 8.47
N ALA A 92 43.62 -0.05 8.17
CA ALA A 92 44.82 0.72 7.76
C ALA A 92 44.61 1.44 6.47
N ARG A 93 43.87 0.84 5.52
CA ARG A 93 43.59 1.52 4.28
C ARG A 93 42.76 2.82 4.51
N PHE A 94 41.80 2.75 5.42
CA PHE A 94 40.96 3.96 5.70
C PHE A 94 41.76 5.03 6.39
N THR A 95 42.45 4.67 7.45
CA THR A 95 43.21 5.64 8.24
C THR A 95 44.35 6.26 7.43
N ALA A 96 45.04 5.44 6.62
CA ALA A 96 46.07 5.96 5.71
C ALA A 96 45.50 6.90 4.67
N GLN A 97 44.36 6.57 4.07
CA GLN A 97 43.77 7.47 3.09
C GLN A 97 43.39 8.84 3.72
N ILE A 98 42.74 8.82 4.89
CA ILE A 98 42.29 10.08 5.50
C ILE A 98 43.54 10.87 5.97
N ARG A 99 44.43 10.20 6.71
CA ARG A 99 45.68 10.87 7.17
C ARG A 99 46.59 11.40 6.08
N GLY A 100 46.66 10.65 4.98
CA GLY A 100 47.43 11.08 3.78
C GLY A 100 46.82 12.26 3.06
N ALA A 101 45.48 12.39 3.13
CA ALA A 101 44.80 13.46 2.40
C ALA A 101 44.60 14.74 3.18
N VAL A 102 44.77 14.72 4.50
CA VAL A 102 44.51 15.91 5.33
C VAL A 102 45.70 16.25 6.18
N ASP A 103 46.28 17.43 5.90
CA ASP A 103 47.47 17.89 6.57
C ASP A 103 47.03 18.82 7.66
N LEU A 104 47.06 18.31 8.86
CA LEU A 104 46.53 19.06 10.01
C LEU A 104 47.30 20.33 10.36
N SER A 105 48.61 20.37 10.06
CA SER A 105 49.41 21.60 10.19
C SER A 105 48.84 22.80 9.35
N LEU A 106 48.05 22.56 8.31
CA LEU A 106 47.45 23.63 7.52
C LEU A 106 46.14 24.17 8.10
N TYR A 107 45.72 23.65 9.25
CA TYR A 107 44.40 23.99 9.84
C TYR A 107 44.61 24.24 11.35
N PRO A 108 45.00 25.47 11.71
CA PRO A 108 45.31 25.76 13.13
C PRO A 108 44.13 25.45 14.04
N ARG A 109 44.42 24.82 15.16
CA ARG A 109 43.42 24.19 15.97
C ARG A 109 43.71 24.37 17.47
N GLU A 110 43.19 25.50 17.94
CA GLU A 110 43.24 25.92 19.31
C GLU A 110 41.95 25.45 20.02
N GLY A 111 42.10 24.98 21.24
CA GLY A 111 40.99 24.70 22.12
C GLY A 111 40.20 23.45 21.83
N GLY A 112 40.76 22.56 21.00
CA GLY A 112 40.05 21.39 20.48
C GLY A 112 38.77 21.74 19.73
N VAL A 113 38.77 22.81 18.96
CA VAL A 113 37.64 23.12 18.08
C VAL A 113 38.16 23.12 16.64
N SER A 114 37.49 22.37 15.77
CA SER A 114 37.79 22.34 14.38
C SER A 114 37.19 23.47 13.72
N SER A 115 37.84 23.94 12.67
CA SER A 115 37.30 24.96 11.85
C SER A 115 36.42 24.42 10.73
N ARG A 116 35.55 25.30 10.21
CA ARG A 116 34.63 24.89 9.14
C ARG A 116 35.41 24.50 7.92
N GLU A 117 36.54 25.18 7.69
CA GLU A 117 37.39 24.82 6.59
C GLU A 117 37.94 23.35 6.69
N LEU A 118 38.34 22.96 7.88
CA LEU A 118 38.87 21.61 8.15
C LEU A 118 37.78 20.56 7.97
N VAL A 119 36.61 20.88 8.52
CA VAL A 119 35.46 19.97 8.40
C VAL A 119 35.08 19.81 6.96
N LYS A 120 35.08 20.89 6.20
CA LYS A 120 34.80 20.80 4.81
C LYS A 120 35.84 19.99 4.06
N LYS A 121 37.09 20.15 4.46
CA LYS A 121 38.13 19.40 3.74
C LYS A 121 37.92 17.87 3.98
N VAL A 122 37.67 17.49 5.20
CA VAL A 122 37.47 16.08 5.50
C VAL A 122 36.24 15.59 4.76
N SER A 123 35.16 16.39 4.82
CA SER A 123 33.97 16.05 4.03
C SER A 123 34.26 15.85 2.56
N ASP A 124 35.06 16.75 2.01
CA ASP A 124 35.37 16.64 0.57
C ASP A 124 36.21 15.40 0.25
N VAL A 125 37.10 15.01 1.17
CA VAL A 125 37.90 13.82 0.97
C VAL A 125 36.99 12.60 0.82
N ILE A 126 36.01 12.48 1.74
CA ILE A 126 35.02 11.38 1.62
C ILE A 126 34.22 11.44 0.33
N TRP A 127 33.65 12.58 0.05
CA TRP A 127 32.78 12.77 -1.10
C TRP A 127 33.47 12.52 -2.43
N ASN A 128 34.66 13.06 -2.60
CA ASN A 128 35.43 12.81 -3.85
C ASN A 128 35.94 11.38 -4.00
N SER A 129 35.93 10.58 -2.93
CA SER A 129 36.28 9.18 -3.03
C SER A 129 35.21 8.29 -3.60
N LEU A 130 33.97 8.76 -3.67
CA LEU A 130 32.86 7.89 -3.98
C LEU A 130 32.73 7.67 -5.45
N SER A 131 32.26 6.49 -5.79
CA SER A 131 31.84 6.17 -7.16
C SER A 131 30.82 7.14 -7.65
N ARG A 132 30.94 7.45 -8.93
CA ARG A 132 30.09 8.44 -9.57
C ARG A 132 28.60 8.01 -9.68
N SER A 133 28.33 6.75 -9.94
CA SER A 133 26.95 6.29 -10.21
C SER A 133 26.57 5.02 -9.49
N TYR A 134 25.56 5.13 -8.63
CA TYR A 134 24.97 3.97 -7.99
C TYR A 134 23.65 4.39 -7.41
N PHE A 135 22.75 3.43 -7.22
CA PHE A 135 21.42 3.78 -6.74
C PHE A 135 21.54 4.28 -5.30
N LYS A 136 21.01 5.45 -5.02
CA LYS A 136 21.01 6.07 -3.68
C LYS A 136 20.37 5.17 -2.58
N ASP A 137 19.42 4.31 -2.96
CA ASP A 137 18.65 3.51 -2.04
C ASP A 137 19.14 2.08 -2.00
N ARG A 138 20.34 1.81 -2.54
CA ARG A 138 20.94 0.50 -2.46
C ARG A 138 21.15 0.06 -1.00
N ALA A 139 20.84 -1.20 -0.70
CA ALA A 139 21.04 -1.78 0.60
C ALA A 139 22.51 -2.12 0.83
N HIS A 140 22.89 -2.12 2.08
CA HIS A 140 24.22 -2.55 2.53
C HIS A 140 25.41 -1.68 2.09
N ILE A 141 25.20 -0.35 1.98
CA ILE A 141 26.25 0.56 1.69
C ILE A 141 26.27 1.67 2.70
N GLN A 142 26.03 1.29 3.94
CA GLN A 142 25.93 2.24 5.04
C GLN A 142 27.25 2.35 5.79
N SER A 143 28.10 1.30 5.69
CA SER A 143 29.29 1.20 6.53
C SER A 143 30.61 1.54 5.86
N LEU A 144 31.62 1.68 6.71
CA LEU A 144 32.95 1.98 6.19
C LEU A 144 33.49 0.82 5.40
N PHE A 145 32.95 -0.37 5.62
CA PHE A 145 33.31 -1.51 4.75
C PHE A 145 32.96 -1.26 3.31
N SER A 146 31.74 -0.79 3.10
CA SER A 146 31.33 -0.43 1.78
C SER A 146 32.14 0.71 1.16
N PHE A 147 32.49 1.69 1.96
CA PHE A 147 33.24 2.84 1.47
C PHE A 147 34.64 2.38 0.97
N ILE A 148 35.29 1.58 1.80
CA ILE A 148 36.69 1.13 1.47
C ILE A 148 36.66 0.13 0.37
N THR A 149 35.78 -0.86 0.43
CA THR A 149 35.84 -1.96 -0.55
C THR A 149 35.04 -1.73 -1.80
N GLY A 150 34.03 -0.84 -1.77
CA GLY A 150 33.24 -0.52 -2.96
C GLY A 150 33.09 0.94 -3.37
N THR A 151 33.72 1.86 -2.61
CA THR A 151 33.61 3.32 -2.76
C THR A 151 32.16 3.73 -2.96
N LYS A 152 31.27 3.15 -2.12
CA LYS A 152 29.83 3.47 -2.20
C LYS A 152 29.30 3.68 -0.77
N LEU A 153 28.56 4.76 -0.60
CA LEU A 153 27.91 5.08 0.73
C LEU A 153 26.54 5.65 0.41
N ASP A 154 25.55 5.25 1.22
CA ASP A 154 24.23 5.88 1.15
C ASP A 154 24.27 7.27 1.85
N SER A 155 23.14 7.99 1.87
CA SER A 155 23.16 9.39 2.27
C SER A 155 23.78 9.59 3.64
N SER A 156 23.18 8.96 4.62
CA SER A 156 23.64 9.12 5.96
C SER A 156 24.98 8.40 6.20
N GLY A 157 25.30 7.41 5.37
CA GLY A 157 26.61 6.75 5.50
C GLY A 157 27.73 7.72 5.22
N VAL A 158 27.51 8.63 4.27
CA VAL A 158 28.47 9.74 4.04
C VAL A 158 28.77 10.59 5.28
N ALA A 159 27.71 11.03 5.99
CA ALA A 159 27.87 11.72 7.24
C ALA A 159 28.59 10.92 8.29
N PHE A 160 28.24 9.63 8.44
CA PHE A 160 28.89 8.86 9.39
C PHE A 160 30.40 8.77 9.08
N ALA A 161 30.72 8.59 7.81
CA ALA A 161 32.12 8.39 7.38
C ALA A 161 32.94 9.66 7.59
N VAL A 162 32.31 10.82 7.42
CA VAL A 162 32.95 12.07 7.76
C VAL A 162 33.34 12.15 9.23
N VAL A 163 32.42 11.78 10.11
CA VAL A 163 32.67 11.67 11.52
C VAL A 163 33.76 10.65 11.90
N GLY A 164 33.70 9.45 11.28
CA GLY A 164 34.76 8.48 11.52
C GLY A 164 36.14 8.94 11.05
N ALA A 165 36.16 9.62 9.93
CA ALA A 165 37.42 10.25 9.40
C ALA A 165 37.94 11.30 10.36
N CYS A 166 37.03 12.15 10.89
CA CYS A 166 37.40 13.13 11.92
C CYS A 166 37.93 12.50 13.16
N GLN A 167 37.32 11.43 13.64
CA GLN A 167 37.89 10.68 14.74
C GLN A 167 39.30 10.13 14.41
N ALA A 168 39.47 9.60 13.21
CA ALA A 168 40.79 9.11 12.82
C ALA A 168 41.87 10.22 12.84
N LEU A 169 41.47 11.48 12.59
CA LEU A 169 42.37 12.62 12.63
C LEU A 169 42.48 13.24 13.99
N GLY A 170 41.80 12.70 14.98
CA GLY A 170 41.84 13.24 16.35
C GLY A 170 40.96 14.45 16.58
N LEU A 171 39.95 14.67 15.74
CA LEU A 171 39.09 15.82 15.89
C LEU A 171 37.90 15.51 16.76
N ARG A 172 38.12 15.67 18.06
CA ARG A 172 37.19 15.19 19.05
C ARG A 172 35.84 15.95 19.16
N ASP A 173 35.77 17.13 18.60
CA ASP A 173 34.54 17.93 18.61
C ASP A 173 33.58 17.64 17.46
N VAL A 174 34.01 16.94 16.41
CA VAL A 174 33.12 16.70 15.26
C VAL A 174 32.21 15.51 15.60
N HIS A 175 30.90 15.70 15.51
CA HIS A 175 29.91 14.71 15.87
C HIS A 175 28.78 14.61 14.84
N LEU A 176 28.15 13.47 14.85
CA LEU A 176 27.01 13.20 13.93
C LEU A 176 25.73 13.86 14.50
N ALA A 177 25.02 14.56 13.63
CA ALA A 177 23.68 15.13 13.96
C ALA A 177 22.67 14.40 13.10
N LEU A 178 21.51 14.08 13.67
CA LEU A 178 20.49 13.27 13.02
C LEU A 178 19.13 13.97 13.30
N SER A 179 18.34 14.09 12.26
CA SER A 179 16.89 14.29 12.45
C SER A 179 16.19 12.93 12.34
N GLU A 180 14.91 12.90 12.01
CA GLU A 180 14.25 11.67 11.79
C GLU A 180 14.44 11.18 10.38
N ASP A 181 15.03 12.00 9.48
CA ASP A 181 15.18 11.58 8.08
C ASP A 181 16.49 12.10 7.39
N HIS A 182 17.39 12.72 8.13
CA HIS A 182 18.56 13.30 7.53
C HIS A 182 19.70 13.36 8.57
N ALA A 183 20.95 13.47 8.07
CA ALA A 183 22.12 13.51 8.90
C ALA A 183 23.08 14.60 8.42
N TRP A 184 23.79 15.18 9.38
CA TRP A 184 24.81 16.16 9.08
C TRP A 184 25.86 16.13 10.17
N VAL A 185 26.76 17.11 10.20
CA VAL A 185 27.69 17.19 11.30
C VAL A 185 27.59 18.46 12.12
N VAL A 186 27.94 18.31 13.37
CA VAL A 186 28.04 19.42 14.31
C VAL A 186 29.48 19.42 14.86
N PHE A 187 29.93 20.60 15.23
CA PHE A 187 31.28 20.78 15.70
C PHE A 187 31.42 22.10 16.38
N GLY A 188 32.62 22.33 16.90
CA GLY A 188 32.95 23.63 17.41
C GLY A 188 32.59 23.69 18.85
N PRO A 189 32.73 24.91 19.43
CA PRO A 189 32.81 25.04 20.86
C PRO A 189 31.83 24.18 21.61
N ASN A 190 30.53 24.29 21.31
CA ASN A 190 29.53 23.53 22.04
C ASN A 190 28.71 22.55 21.21
N GLY A 191 29.27 22.03 20.14
CA GLY A 191 28.42 21.45 19.09
C GLY A 191 27.62 22.52 18.37
N GLU A 192 28.11 23.77 18.41
CA GLU A 192 27.34 24.94 17.99
C GLU A 192 27.34 25.11 16.48
N GLN A 193 28.38 24.64 15.79
CA GLN A 193 28.45 24.82 14.36
C GLN A 193 27.79 23.65 13.67
N THR A 194 27.26 23.88 12.50
CA THR A 194 26.68 22.84 11.70
C THR A 194 27.13 22.92 10.26
N ALA A 195 27.27 21.73 9.63
CA ALA A 195 27.56 21.64 8.23
C ALA A 195 26.87 20.47 7.61
N GLU A 196 26.16 20.74 6.51
CA GLU A 196 25.70 19.73 5.61
C GLU A 196 26.92 19.05 4.90
N VAL A 197 26.91 17.72 4.86
CA VAL A 197 27.96 16.95 4.23
C VAL A 197 27.42 15.95 3.27
N THR A 198 26.10 15.78 3.14
CA THR A 198 25.58 14.79 2.25
C THR A 198 24.36 15.26 1.56
N TRP A 199 23.86 14.45 0.64
CA TRP A 199 22.64 14.77 -0.08
C TRP A 199 21.41 14.38 0.77
N HIS A 200 20.24 14.92 0.39
CA HIS A 200 18.97 14.45 0.92
C HIS A 200 17.89 14.21 -0.13
N GLY A 201 17.32 13.04 -0.15
CA GLY A 201 16.23 12.69 -1.06
C GLY A 201 16.75 12.59 -2.49
N LYS A 202 15.84 12.73 -3.47
CA LYS A 202 16.14 12.51 -4.89
C LYS A 202 15.86 13.74 -5.65
N GLY A 203 16.79 14.15 -6.52
CA GLY A 203 16.57 15.31 -7.42
C GLY A 203 16.39 16.65 -6.73
N ASN A 204 16.93 16.76 -5.53
CA ASN A 204 16.90 18.04 -4.78
C ASN A 204 18.22 18.80 -5.08
N GLU A 205 18.35 20.07 -4.77
CA GLU A 205 19.68 20.68 -5.08
C GLU A 205 20.54 20.74 -3.81
N ASP A 206 21.86 20.51 -3.89
CA ASP A 206 22.58 20.12 -2.68
C ASP A 206 23.04 21.37 -1.93
N ARG A 207 23.16 21.21 -0.61
CA ARG A 207 23.46 22.25 0.32
C ARG A 207 24.75 21.98 1.03
N ARG A 208 25.57 21.08 0.48
CA ARG A 208 26.80 20.72 1.15
C ARG A 208 27.61 21.96 1.51
N GLY A 209 28.17 21.95 2.72
CA GLY A 209 28.93 23.05 3.25
C GLY A 209 28.08 24.11 3.92
N GLN A 210 26.77 24.15 3.62
CA GLN A 210 25.88 25.10 4.32
C GLN A 210 25.55 24.67 5.73
N THR A 211 25.14 25.64 6.56
CA THR A 211 24.58 25.37 7.91
C THR A 211 23.18 24.82 7.73
N VAL A 212 22.57 24.35 8.82
CA VAL A 212 21.20 23.88 8.77
C VAL A 212 20.19 25.02 9.22
N ASN A 213 20.64 26.27 9.27
CA ASN A 213 19.81 27.35 9.82
C ASN A 213 18.57 27.63 9.04
N ALA A 214 18.61 27.57 7.73
CA ALA A 214 17.43 27.81 6.91
C ALA A 214 16.38 26.70 7.16
N GLY A 215 16.83 25.47 7.33
CA GLY A 215 15.90 24.38 7.60
C GLY A 215 15.27 24.46 8.97
N VAL A 216 16.03 24.86 10.01
CA VAL A 216 15.46 25.04 11.32
C VAL A 216 14.40 26.17 11.25
N ALA A 217 14.74 27.25 10.54
CA ALA A 217 13.86 28.43 10.56
C ALA A 217 12.59 28.17 9.84
N GLU A 218 12.66 27.39 8.76
CA GLU A 218 11.50 27.09 7.97
C GLU A 218 10.44 26.19 8.79
N ARG A 219 10.85 25.64 9.92
CA ARG A 219 10.01 24.68 10.73
C ARG A 219 9.59 23.45 9.98
N SER A 220 10.47 22.96 9.10
CA SER A 220 10.26 21.68 8.48
C SER A 220 10.44 20.56 9.46
N TRP A 221 9.72 19.48 9.22
CA TRP A 221 9.99 18.28 9.94
C TRP A 221 11.43 17.82 9.75
N LEU A 222 11.95 18.03 8.56
CA LEU A 222 13.30 17.50 8.26
C LEU A 222 14.38 17.98 9.23
N TYR A 223 14.28 19.24 9.77
CA TYR A 223 15.23 19.77 10.75
C TYR A 223 14.71 19.83 12.17
N LEU A 224 13.48 19.30 12.38
CA LEU A 224 12.88 19.12 13.72
C LEU A 224 12.84 20.39 14.58
N LYS A 225 12.76 21.51 13.92
CA LYS A 225 12.77 22.84 14.58
C LYS A 225 13.94 22.99 15.50
N GLY A 226 15.06 22.34 15.16
CA GLY A 226 16.23 22.44 16.07
C GLY A 226 16.31 21.41 17.13
N SER A 227 15.25 20.58 17.29
CA SER A 227 15.25 19.56 18.33
C SER A 227 15.74 18.21 17.73
N TYR A 228 16.85 18.28 17.01
CA TYR A 228 17.47 17.08 16.47
C TYR A 228 18.59 16.51 17.39
N MET A 229 19.01 15.31 17.05
CA MET A 229 19.93 14.57 17.89
C MET A 229 21.36 15.06 17.60
N ARG A 230 22.08 15.40 18.67
CA ARG A 230 23.48 15.75 18.58
C ARG A 230 24.26 14.66 19.29
N CYS A 231 24.91 13.79 18.50
CA CYS A 231 25.42 12.54 19.09
C CYS A 231 26.72 12.83 19.86
N ASP A 232 26.93 12.13 20.95
CA ASP A 232 28.33 11.88 21.45
C ASP A 232 28.85 10.57 20.80
N ARG A 233 30.09 10.17 21.11
CA ARG A 233 30.67 8.94 20.44
C ARG A 233 29.87 7.68 20.69
N LYS A 234 29.30 7.54 21.89
CA LYS A 234 28.53 6.34 22.21
C LYS A 234 27.19 6.28 21.43
N MET A 235 26.58 7.43 21.23
CA MET A 235 25.38 7.50 20.35
C MET A 235 25.70 7.24 18.88
N GLU A 236 26.91 7.58 18.43
CA GLU A 236 27.37 7.27 17.09
C GLU A 236 27.52 5.74 16.89
N VAL A 237 27.94 5.07 17.94
CA VAL A 237 27.88 3.68 17.97
C VAL A 237 26.47 3.16 17.89
N ALA A 238 25.57 3.70 18.69
CA ALA A 238 24.15 3.33 18.59
C ALA A 238 23.60 3.55 17.19
N PHE A 239 24.02 4.61 16.51
CA PHE A 239 23.56 4.82 15.13
C PHE A 239 23.99 3.73 14.15
N MET A 240 25.27 3.35 14.19
CA MET A 240 25.78 2.30 13.31
C MET A 240 25.10 0.97 13.61
N VAL A 241 24.65 0.77 14.85
CA VAL A 241 23.91 -0.45 15.15
C VAL A 241 22.51 -0.38 14.52
N CYS A 242 21.82 0.74 14.73
CA CYS A 242 20.52 0.97 14.07
C CYS A 242 20.65 0.86 12.57
N ALA A 243 21.80 1.22 11.99
CA ALA A 243 22.00 1.16 10.55
C ALA A 243 22.22 -0.25 9.95
N ILE A 244 22.44 -1.23 10.82
CA ILE A 244 22.50 -2.64 10.40
C ILE A 244 21.24 -2.91 9.59
N ASN A 245 21.39 -3.53 8.43
CA ASN A 245 20.30 -3.82 7.54
C ASN A 245 20.25 -5.36 7.34
N PRO A 246 19.42 -6.04 8.10
CA PRO A 246 19.26 -7.50 7.91
C PRO A 246 18.64 -7.99 6.57
N SER A 247 18.12 -7.11 5.73
CA SER A 247 17.43 -7.52 4.52
C SER A 247 18.30 -8.23 3.50
N ILE A 248 17.90 -9.44 3.12
CA ILE A 248 18.58 -10.15 2.05
C ILE A 248 17.85 -9.82 0.77
N ASP A 249 16.54 -9.83 0.80
CA ASP A 249 15.73 -9.26 -0.27
C ASP A 249 14.40 -8.80 0.32
N LEU A 250 13.54 -8.25 -0.54
CA LEU A 250 12.24 -7.72 -0.13
C LEU A 250 11.51 -8.64 0.88
N HIS A 251 11.42 -9.93 0.58
CA HIS A 251 10.62 -10.86 1.37
C HIS A 251 11.44 -11.68 2.40
N THR A 252 12.73 -11.39 2.60
CA THR A 252 13.52 -12.24 3.53
C THR A 252 14.71 -11.55 4.31
N ASP A 253 14.80 -11.81 5.62
CA ASP A 253 15.81 -11.24 6.51
C ASP A 253 16.80 -12.27 7.05
N SER A 254 18.04 -11.84 7.27
CA SER A 254 19.01 -12.60 7.99
C SER A 254 18.67 -12.59 9.48
N LEU A 255 18.35 -13.77 10.02
N LEU A 255 18.34 -13.78 10.01
CA LEU A 255 18.10 -13.95 11.43
CA LEU A 255 18.07 -13.97 11.42
C LEU A 255 19.33 -13.60 12.26
C LEU A 255 19.32 -13.64 12.27
N GLU A 256 20.51 -13.90 11.71
CA GLU A 256 21.74 -13.62 12.36
C GLU A 256 21.93 -12.10 12.59
N LEU A 257 21.74 -11.35 11.54
CA LEU A 257 21.81 -9.83 11.61
C LEU A 257 20.71 -9.21 12.52
N LEU A 258 19.51 -9.74 12.51
CA LEU A 258 18.48 -9.35 13.49
C LEU A 258 18.96 -9.63 14.86
N GLN A 259 19.55 -10.82 15.10
CA GLN A 259 20.00 -11.11 16.45
C GLN A 259 21.17 -10.23 16.90
N LEU A 260 22.12 -10.01 16.00
CA LEU A 260 23.26 -9.14 16.24
C LEU A 260 22.78 -7.72 16.61
N GLN A 261 21.84 -7.19 15.83
CA GLN A 261 21.32 -5.82 16.10
C GLN A 261 20.60 -5.75 17.42
N GLN A 262 19.80 -6.77 17.69
CA GLN A 262 19.10 -6.88 18.91
C GLN A 262 20.06 -6.95 20.14
N LYS A 263 21.08 -7.81 20.10
CA LYS A 263 21.98 -7.97 21.20
C LYS A 263 22.78 -6.71 21.40
N LEU A 264 23.16 -6.05 20.30
CA LEU A 264 23.91 -4.82 20.43
C LEU A 264 23.09 -3.69 21.00
N LEU A 265 21.81 -3.63 20.64
CA LEU A 265 20.96 -2.62 21.20
C LEU A 265 20.72 -2.87 22.70
N TRP A 266 20.60 -4.12 23.12
CA TRP A 266 20.55 -4.36 24.61
C TRP A 266 21.81 -3.98 25.35
N LEU A 267 22.96 -4.13 24.70
CA LEU A 267 24.24 -3.74 25.29
C LEU A 267 24.27 -2.23 25.49
N LEU A 268 23.94 -1.50 24.42
CA LEU A 268 23.79 -0.04 24.51
C LEU A 268 22.78 0.40 25.51
N TYR A 269 21.65 -0.29 25.58
CA TYR A 269 20.60 0.06 26.53
C TYR A 269 21.09 0.00 28.00
N ASP A 270 21.66 -1.14 28.32
CA ASP A 270 22.30 -1.36 29.66
C ASP A 270 23.32 -0.36 30.02
N LEU A 271 24.10 0.13 29.05
CA LEU A 271 25.13 1.14 29.31
C LEU A 271 24.61 2.58 29.41
N GLY A 272 23.31 2.80 29.16
CA GLY A 272 22.71 4.13 29.18
C GLY A 272 22.76 4.87 27.87
N HIS A 273 23.23 4.23 26.77
CA HIS A 273 23.48 4.92 25.57
C HIS A 273 22.29 5.09 24.63
N LEU A 274 21.12 4.59 25.03
CA LEU A 274 19.89 4.81 24.23
C LEU A 274 19.00 5.78 24.96
N GLU A 275 19.46 6.33 26.08
CA GLU A 275 18.66 7.29 26.86
C GLU A 275 18.14 8.47 26.05
N ARG A 276 18.95 8.96 25.15
CA ARG A 276 18.65 10.08 24.34
C ARG A 276 18.40 9.69 22.84
N TYR A 277 17.95 8.46 22.62
CA TYR A 277 17.81 7.90 21.26
C TYR A 277 16.48 7.24 21.08
N PRO A 278 15.40 8.07 20.99
CA PRO A 278 14.04 7.45 20.83
C PRO A 278 13.86 6.35 19.76
N MET A 279 14.41 6.60 18.58
CA MET A 279 14.21 5.69 17.43
C MET A 279 14.94 4.37 17.70
N ALA A 280 16.08 4.42 18.41
CA ALA A 280 16.73 3.14 18.79
C ALA A 280 15.89 2.29 19.74
N LEU A 281 15.21 2.98 20.65
CA LEU A 281 14.28 2.28 21.53
C LEU A 281 13.10 1.70 20.83
N GLY A 282 12.60 2.37 19.79
CA GLY A 282 11.53 1.80 18.95
C GLY A 282 12.01 0.61 18.16
N ASN A 283 13.21 0.73 17.62
CA ASN A 283 13.80 -0.36 16.88
C ASN A 283 13.93 -1.57 17.83
N LEU A 284 14.42 -1.35 19.04
CA LEU A 284 14.56 -2.47 19.99
C LEU A 284 13.19 -3.09 20.36
N ALA A 285 12.17 -2.25 20.61
CA ALA A 285 10.80 -2.73 20.84
C ALA A 285 10.26 -3.61 19.73
N ASP A 286 10.42 -3.17 18.49
CA ASP A 286 10.04 -3.94 17.32
C ASP A 286 10.75 -5.36 17.27
N LEU A 287 12.03 -5.37 17.57
CA LEU A 287 12.81 -6.62 17.54
C LEU A 287 12.30 -7.58 18.64
N GLU A 288 12.02 -7.03 19.82
CA GLU A 288 11.49 -7.75 20.96
C GLU A 288 10.12 -8.34 20.71
N GLU A 289 9.28 -7.61 20.00
CA GLU A 289 8.03 -8.18 19.54
C GLU A 289 8.23 -9.42 18.65
N LEU A 290 9.14 -9.31 17.69
CA LEU A 290 9.47 -10.43 16.82
C LEU A 290 10.05 -11.59 17.62
N GLU A 291 10.94 -11.33 18.54
CA GLU A 291 11.65 -12.39 19.25
C GLU A 291 11.94 -11.91 20.64
N PRO A 292 11.05 -12.17 21.61
CA PRO A 292 11.30 -11.61 22.94
C PRO A 292 12.52 -12.21 23.63
N THR A 293 13.26 -11.39 24.35
CA THR A 293 14.43 -11.81 25.09
C THR A 293 13.95 -12.09 26.55
N PRO A 294 14.10 -13.35 27.05
CA PRO A 294 13.74 -13.64 28.46
C PRO A 294 14.28 -12.66 29.51
N GLY A 295 13.42 -12.20 30.40
CA GLY A 295 13.85 -11.34 31.49
C GLY A 295 13.87 -9.86 31.16
N ARG A 296 13.53 -9.48 29.91
CA ARG A 296 13.64 -8.06 29.50
C ARG A 296 12.30 -7.38 29.51
N PRO A 297 12.30 -6.03 29.50
CA PRO A 297 11.04 -5.27 29.39
C PRO A 297 10.31 -5.64 28.11
N ASP A 298 8.99 -5.61 28.17
CA ASP A 298 8.16 -5.93 27.03
C ASP A 298 8.15 -4.76 25.99
N PRO A 299 7.67 -5.02 24.79
CA PRO A 299 7.68 -3.96 23.74
C PRO A 299 7.01 -2.70 24.14
N LEU A 300 5.88 -2.81 24.85
CA LEU A 300 5.16 -1.60 25.27
C LEU A 300 5.97 -0.73 26.17
N THR A 301 6.72 -1.34 27.09
CA THR A 301 7.56 -0.58 28.01
C THR A 301 8.60 0.18 27.21
N LEU A 302 9.16 -0.46 26.22
CA LEU A 302 10.17 0.19 25.38
C LEU A 302 9.65 1.29 24.48
N TYR A 303 8.49 1.09 23.87
CA TYR A 303 7.89 2.21 23.11
C TYR A 303 7.65 3.42 23.99
N HIS A 304 7.12 3.17 25.18
CA HIS A 304 6.87 4.24 26.17
C HIS A 304 8.19 4.91 26.59
N LYS A 305 9.26 4.14 26.76
CA LYS A 305 10.55 4.74 27.07
C LYS A 305 11.00 5.66 25.92
N GLY A 306 10.74 5.26 24.69
CA GLY A 306 11.10 6.14 23.54
C GLY A 306 10.33 7.46 23.49
N ILE A 307 9.02 7.40 23.79
CA ILE A 307 8.25 8.64 23.94
C ILE A 307 8.82 9.50 25.10
N ALA A 308 9.08 8.86 26.24
CA ALA A 308 9.66 9.63 27.40
C ALA A 308 10.97 10.33 27.04
N SER A 309 11.82 9.65 26.26
CA SER A 309 13.08 10.19 25.82
C SER A 309 12.84 11.40 24.95
N ALA A 310 11.88 11.29 24.02
CA ALA A 310 11.54 12.43 23.14
C ALA A 310 11.00 13.63 23.97
N LYS A 311 10.15 13.32 24.91
CA LYS A 311 9.62 14.40 25.83
C LYS A 311 10.71 15.05 26.68
N THR A 312 11.63 14.27 27.16
CA THR A 312 12.72 14.75 28.08
C THR A 312 13.74 15.56 27.35
N TYR A 313 14.18 15.05 26.17
CA TYR A 313 15.34 15.62 25.47
C TYR A 313 15.08 16.39 24.23
N TYR A 314 13.94 16.19 23.61
CA TYR A 314 13.68 16.73 22.29
C TYR A 314 12.36 17.51 22.24
N ARG A 315 11.93 18.05 23.37
CA ARG A 315 10.75 18.92 23.39
C ARG A 315 9.44 18.32 22.94
N ASP A 316 9.38 17.00 22.91
CA ASP A 316 8.26 16.25 22.36
C ASP A 316 7.97 16.68 20.94
N GLU A 317 9.02 16.91 20.17
CA GLU A 317 8.91 17.36 18.81
C GLU A 317 9.24 16.29 17.70
N HIS A 318 9.39 15.05 18.15
CA HIS A 318 9.57 13.89 17.26
C HIS A 318 8.29 13.21 16.92
N ILE A 319 8.24 12.69 15.67
CA ILE A 319 7.08 11.99 15.22
C ILE A 319 7.15 10.46 15.44
N TYR A 320 8.29 9.86 15.14
CA TYR A 320 8.36 8.41 15.19
C TYR A 320 8.10 7.71 16.52
N PRO A 321 8.34 8.38 17.65
CA PRO A 321 8.02 7.66 18.87
C PRO A 321 6.53 7.24 18.93
N TYR A 322 5.66 8.11 18.46
CA TYR A 322 4.27 7.82 18.50
C TYR A 322 3.87 6.91 17.36
N MET A 323 4.47 7.08 16.18
N MET A 323 4.47 7.07 16.19
CA MET A 323 4.22 6.15 15.06
CA MET A 323 4.21 6.13 15.07
C MET A 323 4.61 4.71 15.39
C MET A 323 4.61 4.70 15.39
N TYR A 324 5.74 4.52 16.09
CA TYR A 324 6.15 3.18 16.49
C TYR A 324 5.12 2.50 17.40
N LEU A 325 4.61 3.30 18.34
CA LEU A 325 3.61 2.80 19.27
C LEU A 325 2.31 2.47 18.53
N ALA A 326 1.90 3.37 17.64
CA ALA A 326 0.68 3.16 16.90
C ALA A 326 0.76 1.90 16.07
N GLY A 327 1.93 1.67 15.42
CA GLY A 327 2.16 0.50 14.61
C GLY A 327 2.00 -0.77 15.42
N TYR A 328 2.63 -0.82 16.61
CA TYR A 328 2.49 -1.97 17.52
C TYR A 328 1.04 -2.27 17.88
N HIS A 329 0.29 -1.24 18.24
CA HIS A 329 -1.12 -1.42 18.55
C HIS A 329 -1.95 -1.86 17.35
N CYS A 330 -1.65 -1.30 16.19
CA CYS A 330 -2.32 -1.68 14.97
C CYS A 330 -2.09 -3.16 14.66
N ARG A 331 -0.83 -3.59 14.73
CA ARG A 331 -0.49 -5.02 14.44
C ARG A 331 -1.15 -5.94 15.42
N ASN A 332 -1.34 -5.50 16.65
CA ASN A 332 -2.00 -6.31 17.70
C ASN A 332 -3.50 -6.10 17.85
N ARG A 333 -4.13 -5.41 16.92
CA ARG A 333 -5.60 -5.17 16.89
C ARG A 333 -6.10 -4.37 18.10
N ASN A 334 -5.27 -3.50 18.64
CA ASN A 334 -5.73 -2.64 19.77
C ASN A 334 -6.22 -1.35 19.14
N VAL A 335 -7.50 -1.30 18.77
CA VAL A 335 -7.94 -0.21 17.93
C VAL A 335 -7.88 1.13 18.66
N ARG A 336 -8.39 1.14 19.90
CA ARG A 336 -8.39 2.38 20.67
C ARG A 336 -6.99 2.97 20.84
N GLU A 337 -6.07 2.11 21.23
CA GLU A 337 -4.72 2.54 21.51
C GLU A 337 -3.95 3.00 20.27
N ALA A 338 -4.22 2.38 19.15
CA ALA A 338 -3.60 2.80 17.90
C ALA A 338 -4.09 4.17 17.51
N LEU A 339 -5.41 4.36 17.58
CA LEU A 339 -5.91 5.67 17.25
C LEU A 339 -5.40 6.74 18.17
N GLN A 340 -5.27 6.43 19.45
CA GLN A 340 -4.71 7.41 20.39
C GLN A 340 -3.30 7.82 20.04
N ALA A 341 -2.51 6.82 19.66
CA ALA A 341 -1.15 7.09 19.26
C ALA A 341 -1.05 7.88 17.95
N TRP A 342 -1.89 7.60 16.96
CA TRP A 342 -1.94 8.43 15.80
C TRP A 342 -2.47 9.84 16.02
N ALA A 343 -3.46 9.98 16.88
CA ALA A 343 -3.83 11.30 17.38
C ALA A 343 -2.61 12.07 17.96
N ASP A 344 -1.80 11.40 18.75
CA ASP A 344 -0.59 12.03 19.28
C ASP A 344 0.43 12.40 18.22
N THR A 345 0.56 11.58 17.16
CA THR A 345 1.47 11.94 16.09
C THR A 345 1.06 13.22 15.42
N ALA A 346 -0.25 13.34 15.17
CA ALA A 346 -0.81 14.58 14.58
C ALA A 346 -0.68 15.78 15.46
N THR A 347 -0.76 15.59 16.78
CA THR A 347 -0.58 16.68 17.74
C THR A 347 0.87 17.19 17.70
N VAL A 348 1.82 16.35 17.36
CA VAL A 348 3.21 16.81 17.16
C VAL A 348 3.38 17.50 15.80
N ILE A 349 2.85 16.91 14.75
CA ILE A 349 3.05 17.47 13.39
C ILE A 349 2.35 18.79 13.19
N GLN A 350 1.24 19.02 13.92
CA GLN A 350 0.55 20.31 13.71
C GLN A 350 1.32 21.58 13.94
N ASP A 351 2.38 21.50 14.75
CA ASP A 351 3.23 22.61 15.07
C ASP A 351 4.46 22.74 14.11
N TYR A 352 4.41 22.05 12.99
CA TYR A 352 5.40 22.14 11.92
C TYR A 352 4.75 22.77 10.70
N ASN A 353 5.58 23.18 9.75
CA ASN A 353 5.13 23.49 8.37
C ASN A 353 5.56 22.45 7.44
N TYR A 354 4.69 22.01 6.54
CA TYR A 354 4.99 21.00 5.57
C TYR A 354 5.83 21.59 4.42
N CYS A 355 7.07 21.11 4.28
CA CYS A 355 8.06 21.65 3.35
C CYS A 355 8.46 20.61 2.32
N ARG A 356 9.12 21.08 1.25
CA ARG A 356 9.27 20.29 0.04
C ARG A 356 10.20 19.07 0.15
N GLU A 357 11.00 19.00 1.20
CA GLU A 357 11.78 17.75 1.50
C GLU A 357 11.28 16.88 2.67
N ASP A 358 10.03 17.11 3.12
CA ASP A 358 9.35 16.36 4.18
C ASP A 358 8.55 15.21 3.67
N GLU A 359 8.81 14.86 2.44
CA GLU A 359 8.05 13.87 1.76
C GLU A 359 7.96 12.54 2.55
N GLU A 360 9.00 12.09 3.28
CA GLU A 360 8.92 10.82 3.96
C GLU A 360 7.79 10.78 5.03
N ILE A 361 7.66 11.84 5.76
CA ILE A 361 6.60 11.85 6.81
C ILE A 361 5.22 12.15 6.22
N TYR A 362 5.15 12.94 5.18
CA TYR A 362 3.91 13.03 4.38
C TYR A 362 3.48 11.65 3.95
N LYS A 363 4.40 10.83 3.40
CA LYS A 363 4.03 9.47 2.99
C LYS A 363 3.47 8.61 4.13
N GLU A 364 4.05 8.72 5.32
CA GLU A 364 3.57 7.97 6.47
C GLU A 364 2.15 8.44 6.88
N PHE A 365 1.93 9.75 6.99
CA PHE A 365 0.56 10.27 7.33
C PHE A 365 -0.46 9.86 6.28
N PHE A 366 -0.06 9.94 5.02
CA PHE A 366 -0.91 9.56 3.92
C PHE A 366 -1.32 8.12 4.02
N GLU A 367 -0.33 7.27 4.21
N GLU A 367 -0.32 7.26 4.22
CA GLU A 367 -0.58 5.87 4.35
CA GLU A 367 -0.54 5.82 4.39
C GLU A 367 -1.48 5.55 5.54
C GLU A 367 -1.47 5.53 5.55
N VAL A 368 -1.23 6.21 6.67
CA VAL A 368 -2.05 5.95 7.85
C VAL A 368 -3.49 6.36 7.56
N ALA A 369 -3.69 7.57 7.03
CA ALA A 369 -5.05 8.09 6.79
C ALA A 369 -5.78 7.31 5.70
N ASN A 370 -5.05 6.91 4.66
CA ASN A 370 -5.65 6.36 3.42
C ASN A 370 -5.47 4.86 3.26
N ASP A 371 -4.90 4.19 4.24
CA ASP A 371 -4.69 2.73 4.12
C ASP A 371 -4.77 2.04 5.49
N VAL A 372 -3.93 2.43 6.43
CA VAL A 372 -3.84 1.76 7.75
C VAL A 372 -5.13 1.96 8.58
N ILE A 373 -5.47 3.20 8.91
CA ILE A 373 -6.75 3.43 9.59
C ILE A 373 -7.97 2.77 8.86
N PRO A 374 -8.16 3.02 7.54
CA PRO A 374 -9.31 2.34 6.91
C PRO A 374 -9.36 0.82 7.05
N ASN A 375 -8.19 0.15 6.93
CA ASN A 375 -8.12 -1.32 7.17
C ASN A 375 -8.44 -1.73 8.61
N LEU A 376 -7.91 -0.97 9.57
CA LEU A 376 -8.12 -1.31 10.95
C LEU A 376 -9.63 -1.14 11.32
N LEU A 377 -10.21 -0.03 10.88
CA LEU A 377 -11.64 0.22 11.14
C LEU A 377 -12.55 -0.77 10.42
N LYS A 378 -12.14 -1.18 9.23
CA LYS A 378 -12.85 -2.27 8.49
C LYS A 378 -12.77 -3.59 9.26
N GLU A 379 -11.60 -3.95 9.78
CA GLU A 379 -11.50 -5.11 10.66
C GLU A 379 -12.43 -5.01 11.89
N ALA A 380 -12.45 -3.84 12.52
CA ALA A 380 -13.35 -3.63 13.68
C ALA A 380 -14.83 -3.77 13.24
N ALA A 381 -15.18 -3.23 12.09
CA ALA A 381 -16.53 -3.36 11.60
C ALA A 381 -16.91 -4.87 11.37
N SER A 382 -16.00 -5.68 10.88
CA SER A 382 -16.28 -7.15 10.71
C SER A 382 -16.50 -7.79 12.01
N LEU A 383 -15.65 -7.48 12.99
CA LEU A 383 -15.84 -7.97 14.38
C LEU A 383 -17.19 -7.58 14.92
N LEU A 384 -17.62 -6.34 14.66
CA LEU A 384 -18.86 -5.83 15.21
C LEU A 384 -20.07 -6.50 14.58
N GLU A 385 -20.00 -6.69 13.27
CA GLU A 385 -21.02 -7.45 12.51
C GLU A 385 -21.19 -8.87 13.08
N ALA A 386 -20.08 -9.58 13.26
CA ALA A 386 -20.10 -10.97 13.74
C ALA A 386 -20.79 -11.07 15.09
N GLY A 387 -20.47 -10.17 16.02
CA GLY A 387 -21.18 -10.06 17.30
C GLY A 387 -22.64 -9.65 17.27
N GLU A 388 -23.43 -9.41 16.00
CA GLU A 388 -24.84 -9.07 15.81
C GLU A 388 -25.71 -10.21 16.32
N GLY A 402 -16.90 -3.53 24.60
CA GLY A 402 -17.62 -3.02 23.45
C GLY A 402 -16.65 -2.77 22.26
N SER A 403 -17.21 -2.66 21.08
CA SER A 403 -16.45 -2.38 19.90
C SER A 403 -15.88 -0.95 20.00
N ALA A 404 -14.65 -0.80 19.50
CA ALA A 404 -14.08 0.55 19.37
C ALA A 404 -14.97 1.47 18.50
N LEU A 405 -15.78 0.89 17.59
CA LEU A 405 -16.61 1.70 16.76
C LEU A 405 -17.80 2.30 17.53
N GLN A 406 -17.98 1.85 18.76
CA GLN A 406 -19.06 2.36 19.63
C GLN A 406 -18.47 3.26 20.68
N ASP A 407 -17.21 3.63 20.55
CA ASP A 407 -16.51 4.39 21.63
C ASP A 407 -16.25 5.79 21.13
N PRO A 408 -16.98 6.76 21.66
CA PRO A 408 -16.70 8.12 21.24
C PRO A 408 -15.28 8.59 21.37
N GLU A 409 -14.50 8.08 22.31
CA GLU A 409 -13.07 8.52 22.39
C GLU A 409 -12.30 8.08 21.21
N CYS A 410 -12.66 6.92 20.65
N CYS A 410 -12.67 6.91 20.63
CA CYS A 410 -12.05 6.47 19.46
CA CYS A 410 -12.05 6.46 19.35
C CYS A 410 -12.36 7.39 18.26
C CYS A 410 -12.35 7.40 18.24
N PHE A 411 -13.62 7.82 18.14
CA PHE A 411 -13.99 8.83 17.19
C PHE A 411 -13.25 10.17 17.41
N ALA A 412 -13.16 10.62 18.65
CA ALA A 412 -12.43 11.84 18.96
C ALA A 412 -10.92 11.78 18.57
N HIS A 413 -10.33 10.60 18.69
CA HIS A 413 -8.92 10.39 18.30
C HIS A 413 -8.81 10.49 16.76
N LEU A 414 -9.77 9.91 16.06
CA LEU A 414 -9.78 10.06 14.59
C LEU A 414 -9.86 11.53 14.18
N LEU A 415 -10.75 12.28 14.82
CA LEU A 415 -10.85 13.72 14.59
C LEU A 415 -9.64 14.50 14.96
N ARG A 416 -8.98 14.14 16.03
CA ARG A 416 -7.74 14.87 16.42
C ARG A 416 -6.65 14.65 15.36
N PHE A 417 -6.60 13.44 14.82
CA PHE A 417 -5.61 13.08 13.76
C PHE A 417 -5.83 13.95 12.60
N TYR A 418 -7.08 14.03 12.10
CA TYR A 418 -7.32 14.92 10.96
C TYR A 418 -7.12 16.39 11.31
N ASP A 419 -7.54 16.81 12.49
CA ASP A 419 -7.37 18.18 12.90
C ASP A 419 -5.92 18.57 12.93
N GLY A 420 -5.03 17.66 13.38
CA GLY A 420 -3.61 18.03 13.39
C GLY A 420 -3.04 18.10 11.98
N ILE A 421 -3.44 17.20 11.11
N ILE A 421 -3.43 17.20 11.11
CA ILE A 421 -3.01 17.27 9.71
CA ILE A 421 -3.00 17.29 9.72
C ILE A 421 -3.45 18.61 9.10
C ILE A 421 -3.45 18.61 9.10
N CYS A 422 -4.70 19.03 9.35
CA CYS A 422 -5.17 20.33 8.80
C CYS A 422 -4.40 21.50 9.35
N LYS A 423 -4.06 21.44 10.65
CA LYS A 423 -3.28 22.45 11.25
C LYS A 423 -1.81 22.48 10.75
N TRP A 424 -1.28 21.30 10.51
CA TRP A 424 0.08 21.20 9.85
C TRP A 424 0.05 21.92 8.54
N GLU A 425 -1.03 21.72 7.76
CA GLU A 425 -1.14 22.40 6.45
C GLU A 425 -1.14 23.87 6.56
N GLU A 426 -1.77 24.39 7.62
CA GLU A 426 -1.87 25.85 7.75
C GLU A 426 -0.50 26.54 7.75
N GLY A 427 -0.36 27.53 6.86
CA GLY A 427 0.87 28.32 6.79
C GLY A 427 2.00 27.55 6.14
N SER A 428 1.74 26.40 5.56
CA SER A 428 2.83 25.64 4.96
C SER A 428 3.02 26.12 3.49
N PRO A 429 4.27 26.07 2.95
CA PRO A 429 4.49 26.38 1.53
C PRO A 429 3.95 25.34 0.52
N THR A 430 3.67 24.10 0.92
CA THR A 430 3.12 23.03 0.08
C THR A 430 1.71 22.65 0.71
N PRO A 431 0.60 22.61 -0.07
CA PRO A 431 -0.63 21.96 0.51
C PRO A 431 -0.45 20.47 0.85
N VAL A 432 -1.25 20.01 1.81
CA VAL A 432 -1.19 18.65 2.29
C VAL A 432 -2.38 17.89 1.85
N LEU A 433 -3.58 18.45 2.09
CA LEU A 433 -4.83 17.75 1.78
C LEU A 433 -5.19 18.00 0.34
N HIS A 434 -5.82 17.01 -0.27
CA HIS A 434 -6.44 17.20 -1.58
C HIS A 434 -7.54 16.20 -1.70
N VAL A 435 -8.26 16.20 -2.83
CA VAL A 435 -9.38 15.33 -3.01
C VAL A 435 -9.14 13.88 -2.75
N GLY A 436 -7.93 13.36 -3.01
CA GLY A 436 -7.65 11.96 -2.73
C GLY A 436 -7.75 11.53 -1.25
N TRP A 437 -7.69 12.49 -0.33
CA TRP A 437 -7.87 12.18 1.10
C TRP A 437 -9.33 12.13 1.50
N ALA A 438 -10.21 12.69 0.68
CA ALA A 438 -11.57 12.88 1.17
C ALA A 438 -12.39 11.67 1.25
N THR A 439 -12.28 10.75 0.28
N THR A 439 -12.28 10.73 0.27
CA THR A 439 -13.08 9.54 0.32
CA THR A 439 -13.10 9.51 0.35
C THR A 439 -12.81 8.66 1.53
C THR A 439 -12.82 8.67 1.56
N PHE A 440 -11.54 8.57 1.97
CA PHE A 440 -11.19 7.77 3.14
C PHE A 440 -11.62 8.47 4.42
N LEU A 441 -11.53 9.78 4.47
CA LEU A 441 -12.16 10.53 5.65
C LEU A 441 -13.64 10.20 5.86
N VAL A 442 -14.38 10.32 4.75
CA VAL A 442 -15.80 10.08 4.80
C VAL A 442 -16.14 8.66 5.23
N GLN A 443 -15.41 7.68 4.69
CA GLN A 443 -15.63 6.29 5.01
C GLN A 443 -15.30 6.05 6.51
N SER A 444 -14.18 6.58 6.99
CA SER A 444 -13.79 6.35 8.39
C SER A 444 -14.80 7.03 9.35
N LEU A 445 -15.26 8.24 9.02
CA LEU A 445 -16.31 8.91 9.86
C LEU A 445 -17.55 8.04 9.98
N GLY A 446 -17.94 7.45 8.85
CA GLY A 446 -19.10 6.57 8.75
C GLY A 446 -19.04 5.27 9.48
N ARG A 447 -17.86 4.86 9.92
CA ARG A 447 -17.73 3.71 10.72
C ARG A 447 -18.30 3.87 12.11
N PHE A 448 -18.56 5.11 12.48
CA PHE A 448 -19.13 5.43 13.79
C PHE A 448 -20.55 5.97 13.65
N GLU A 449 -21.47 5.34 14.33
CA GLU A 449 -22.89 5.80 14.25
C GLU A 449 -23.06 7.24 14.67
N GLY A 450 -24.08 7.92 14.14
CA GLY A 450 -24.45 9.25 14.60
C GLY A 450 -24.55 9.44 16.12
N GLN A 451 -25.22 8.53 16.78
CA GLN A 451 -25.40 8.65 18.20
C GLN A 451 -24.04 8.57 18.99
N VAL A 452 -23.06 7.84 18.44
CA VAL A 452 -21.72 7.80 18.98
C VAL A 452 -21.00 9.08 18.68
N ARG A 453 -21.04 9.52 17.41
CA ARG A 453 -20.35 10.76 17.10
C ARG A 453 -20.90 11.98 17.89
N GLN A 454 -22.19 11.97 18.14
CA GLN A 454 -22.83 13.11 18.75
C GLN A 454 -22.50 13.22 20.26
N LYS A 455 -21.85 12.21 20.83
CA LYS A 455 -21.46 12.29 22.25
C LYS A 455 -20.24 13.13 22.55
N VAL A 456 -19.47 13.42 21.55
N VAL A 456 -19.44 13.41 21.55
CA VAL A 456 -18.26 14.14 21.69
CA VAL A 456 -18.23 14.19 21.82
C VAL A 456 -18.48 15.68 21.88
C VAL A 456 -18.53 15.68 21.95
N ARG A 457 -17.63 16.34 22.67
CA ARG A 457 -17.69 17.80 22.93
C ARG A 457 -16.24 18.29 22.82
N ILE A 458 -15.89 18.74 21.62
CA ILE A 458 -14.50 19.13 21.29
C ILE A 458 -14.51 20.45 20.52
N THR A 459 -13.52 21.27 20.77
CA THR A 459 -13.26 22.52 20.04
C THR A 459 -12.02 22.23 19.17
N PHE A 460 -12.18 22.28 17.86
CA PHE A 460 -11.06 21.94 16.95
C PHE A 460 -10.04 23.07 16.94
N GLN A 461 -8.81 22.71 16.61
CA GLN A 461 -7.75 23.66 16.46
C GLN A 461 -7.50 24.16 15.05
N SER A 462 -7.88 23.42 14.02
CA SER A 462 -7.64 23.91 12.68
C SER A 462 -8.87 24.65 12.17
N GLU A 463 -8.62 25.63 11.31
CA GLU A 463 -9.76 26.34 10.61
C GLU A 463 -10.60 25.39 9.79
N LYS A 464 -9.94 24.46 9.10
CA LYS A 464 -10.60 23.52 8.22
C LYS A 464 -11.61 22.64 8.97
N MET A 465 -11.22 22.09 10.13
CA MET A 465 -12.13 21.27 10.91
C MET A 465 -13.23 22.12 11.59
N LYS A 466 -12.88 23.25 12.13
CA LYS A 466 -13.89 24.14 12.74
C LYS A 466 -15.02 24.45 11.76
N GLY A 467 -14.64 24.64 10.52
CA GLY A 467 -15.57 24.95 9.40
C GLY A 467 -16.46 23.82 8.93
N MET A 468 -16.25 22.64 9.48
CA MET A 468 -17.16 21.54 9.28
C MET A 468 -17.58 20.81 10.52
N LYS A 469 -17.50 21.49 11.64
CA LYS A 469 -17.72 20.79 12.94
C LYS A 469 -19.08 20.17 13.01
N GLU A 470 -20.10 20.88 12.48
CA GLU A 470 -21.45 20.31 12.47
C GLU A 470 -21.61 19.07 11.54
N LEU A 471 -20.98 19.12 10.37
CA LEU A 471 -20.98 17.98 9.41
C LEU A 471 -20.43 16.73 9.96
N LEU A 472 -19.39 16.87 10.82
CA LEU A 472 -18.66 15.70 11.35
C LEU A 472 -19.46 14.87 12.34
N VAL A 473 -20.42 15.51 12.98
CA VAL A 473 -21.25 14.84 13.95
C VAL A 473 -22.73 14.67 13.53
N ALA A 474 -23.11 15.16 12.36
CA ALA A 474 -24.50 15.04 11.92
C ALA A 474 -24.86 13.56 11.70
N THR A 475 -26.14 13.20 11.92
CA THR A 475 -26.57 11.80 11.72
C THR A 475 -26.28 11.35 10.32
N LYS A 476 -26.60 12.16 9.32
CA LYS A 476 -26.37 11.82 7.94
C LYS A 476 -25.08 12.48 7.56
N ILE A 477 -24.11 11.68 7.12
CA ILE A 477 -22.83 12.22 6.62
C ILE A 477 -22.96 12.76 5.20
N ASN A 478 -22.71 14.06 5.02
CA ASN A 478 -22.83 14.71 3.76
C ASN A 478 -21.42 14.71 3.12
N SER A 479 -21.16 13.71 2.29
CA SER A 479 -19.81 13.50 1.69
C SER A 479 -19.38 14.62 0.93
N SER A 480 -20.24 15.15 0.03
CA SER A 480 -19.70 16.20 -0.81
C SER A 480 -19.39 17.49 -0.07
N ALA A 481 -20.16 17.86 0.97
CA ALA A 481 -19.83 19.00 1.79
C ALA A 481 -18.47 18.84 2.56
N ILE A 482 -18.29 17.67 3.10
CA ILE A 482 -17.00 17.32 3.78
C ILE A 482 -15.83 17.34 2.84
N LYS A 483 -16.03 16.80 1.63
CA LYS A 483 -14.99 16.91 0.58
C LYS A 483 -14.64 18.35 0.23
N LEU A 484 -15.62 19.21 0.07
CA LEU A 484 -15.37 20.61 -0.27
C LEU A 484 -14.61 21.29 0.78
N GLN A 485 -15.00 21.04 2.02
CA GLN A 485 -14.31 21.69 3.11
C GLN A 485 -12.88 21.17 3.26
N LEU A 486 -12.70 19.86 3.15
CA LEU A 486 -11.36 19.28 3.38
C LEU A 486 -10.39 19.82 2.31
N THR A 487 -10.93 20.09 1.12
CA THR A 487 -10.13 20.53 -0.03
C THR A 487 -10.13 21.99 -0.29
N ALA A 488 -10.77 22.77 0.59
CA ALA A 488 -10.70 24.21 0.52
C ALA A 488 -9.27 24.70 0.66
N GLN A 489 -8.95 25.78 -0.06
CA GLN A 489 -7.62 26.35 0.04
C GLN A 489 -7.40 26.91 1.47
N SER A 490 -6.30 26.55 2.11
CA SER A 490 -6.09 27.04 3.45
C SER A 490 -5.29 28.35 3.36
N GLY B 3 -42.72 -22.75 -6.86
CA GLY B 3 -41.92 -23.94 -6.44
C GLY B 3 -41.10 -24.58 -7.57
N LEU B 4 -40.21 -25.49 -7.18
CA LEU B 4 -39.25 -26.04 -8.11
C LEU B 4 -39.85 -27.10 -8.99
N LYS B 5 -39.29 -27.24 -10.17
CA LYS B 5 -39.67 -28.32 -11.10
C LYS B 5 -39.04 -29.64 -10.61
N THR B 6 -39.57 -30.76 -11.11
CA THR B 6 -39.11 -32.10 -10.73
C THR B 6 -37.64 -32.39 -11.00
N ALA B 7 -37.18 -32.14 -12.22
CA ALA B 7 -35.76 -32.32 -12.56
C ALA B 7 -34.77 -31.41 -11.77
N GLN B 8 -35.25 -30.31 -11.18
CA GLN B 8 -34.41 -29.51 -10.25
C GLN B 8 -34.21 -30.20 -8.87
N LYS B 9 -35.23 -30.94 -8.42
CA LYS B 9 -35.18 -31.60 -7.11
C LYS B 9 -34.28 -32.85 -7.01
N THR B 10 -34.12 -33.59 -8.11
CA THR B 10 -33.46 -34.90 -8.06
C THR B 10 -31.95 -34.76 -7.80
N LEU B 11 -31.41 -33.58 -8.09
CA LEU B 11 -30.00 -33.27 -7.83
C LEU B 11 -29.66 -33.02 -6.36
N PHE B 12 -30.66 -32.86 -5.50
CA PHE B 12 -30.45 -32.62 -4.06
C PHE B 12 -30.55 -33.92 -3.27
N PRO B 13 -29.95 -34.03 -2.10
CA PRO B 13 -29.15 -32.97 -1.46
C PRO B 13 -27.78 -32.77 -2.05
N LEU B 14 -27.25 -31.56 -1.91
CA LEU B 14 -25.90 -31.26 -2.40
C LEU B 14 -24.94 -31.55 -1.26
N ARG B 15 -23.98 -32.44 -1.48
CA ARG B 15 -23.03 -32.81 -0.43
C ARG B 15 -21.58 -32.56 -0.75
N SER B 16 -21.30 -31.99 -1.93
CA SER B 16 -19.94 -31.68 -2.27
C SER B 16 -19.97 -30.57 -3.31
N ILE B 17 -18.81 -30.00 -3.48
CA ILE B 17 -18.53 -29.09 -4.61
C ILE B 17 -18.98 -29.66 -5.94
N ASP B 18 -18.64 -30.93 -6.23
CA ASP B 18 -19.08 -31.53 -7.49
C ASP B 18 -20.56 -31.59 -7.67
N ASP B 19 -21.31 -31.79 -6.59
CA ASP B 19 -22.74 -31.77 -6.63
C ASP B 19 -23.26 -30.38 -7.06
N VAL B 20 -22.60 -29.35 -6.54
CA VAL B 20 -22.98 -27.97 -6.93
C VAL B 20 -22.72 -27.75 -8.44
N VAL B 21 -21.57 -28.22 -8.92
CA VAL B 21 -21.18 -28.08 -10.27
C VAL B 21 -22.24 -28.80 -11.17
N ARG B 22 -22.65 -30.00 -10.74
CA ARG B 22 -23.72 -30.73 -11.47
C ARG B 22 -25.05 -29.98 -11.59
N LEU B 23 -25.41 -29.27 -10.54
CA LEU B 23 -26.59 -28.49 -10.56
C LEU B 23 -26.46 -27.36 -11.55
N PHE B 24 -25.38 -26.62 -11.48
CA PHE B 24 -25.15 -25.56 -12.43
C PHE B 24 -25.14 -26.11 -13.85
N ALA B 25 -24.48 -27.27 -14.04
CA ALA B 25 -24.48 -27.85 -15.41
C ALA B 25 -25.90 -28.09 -15.91
N ALA B 26 -26.74 -28.65 -15.05
CA ALA B 26 -28.15 -28.92 -15.43
C ALA B 26 -28.89 -27.65 -15.78
N GLU B 27 -28.78 -26.64 -14.90
CA GLU B 27 -29.46 -25.40 -15.18
C GLU B 27 -29.00 -24.68 -16.43
N LEU B 28 -27.69 -24.71 -16.69
CA LEU B 28 -27.14 -24.05 -17.83
C LEU B 28 -27.53 -24.77 -19.14
N GLY B 29 -27.96 -26.04 -19.04
CA GLY B 29 -28.55 -26.73 -20.19
C GLY B 29 -29.94 -26.28 -20.56
N ARG B 30 -30.60 -25.48 -19.72
CA ARG B 30 -31.92 -24.97 -20.03
C ARG B 30 -31.89 -23.60 -20.70
N GLU B 31 -32.99 -23.20 -21.33
CA GLU B 31 -33.04 -21.85 -21.94
C GLU B 31 -33.09 -20.77 -20.89
N GLU B 32 -33.69 -21.04 -19.74
CA GLU B 32 -33.70 -20.09 -18.69
C GLU B 32 -33.11 -20.74 -17.43
N PRO B 33 -31.77 -20.69 -17.27
CA PRO B 33 -31.29 -21.15 -15.96
C PRO B 33 -31.96 -20.38 -14.84
N ASP B 34 -32.19 -21.04 -13.71
CA ASP B 34 -32.95 -20.47 -12.67
C ASP B 34 -32.00 -19.65 -11.75
N LEU B 35 -32.03 -18.33 -11.91
CA LEU B 35 -31.06 -17.47 -11.21
C LEU B 35 -31.31 -17.45 -9.74
N VAL B 36 -32.56 -17.50 -9.35
CA VAL B 36 -32.88 -17.56 -7.94
C VAL B 36 -32.34 -18.78 -7.18
N LEU B 37 -32.59 -19.95 -7.75
CA LEU B 37 -32.15 -21.22 -7.16
C LEU B 37 -30.65 -21.21 -7.06
N LEU B 38 -29.99 -20.84 -8.15
CA LEU B 38 -28.55 -20.95 -8.19
C LEU B 38 -27.87 -19.96 -7.20
N SER B 39 -28.40 -18.73 -7.12
CA SER B 39 -27.87 -17.74 -6.18
C SER B 39 -28.14 -18.15 -4.72
N LEU B 40 -29.32 -18.72 -4.45
CA LEU B 40 -29.61 -19.25 -3.12
C LEU B 40 -28.61 -20.31 -2.71
N VAL B 41 -28.29 -21.26 -3.63
CA VAL B 41 -27.35 -22.28 -3.30
C VAL B 41 -25.98 -21.72 -3.02
N LEU B 42 -25.49 -20.82 -3.87
CA LEU B 42 -24.17 -20.31 -3.67
C LEU B 42 -24.11 -19.53 -2.37
N GLY B 43 -25.15 -18.80 -2.07
CA GLY B 43 -25.11 -18.01 -0.84
C GLY B 43 -25.15 -18.88 0.39
N PHE B 44 -25.93 -19.96 0.30
CA PHE B 44 -25.99 -20.92 1.42
C PHE B 44 -24.63 -21.50 1.69
N VAL B 45 -23.99 -21.98 0.62
CA VAL B 45 -22.66 -22.57 0.75
C VAL B 45 -21.67 -21.59 1.31
N GLU B 46 -21.64 -20.36 0.74
CA GLU B 46 -20.73 -19.32 1.20
C GLU B 46 -20.95 -18.98 2.67
N HIS B 47 -22.21 -18.92 3.03
CA HIS B 47 -22.52 -18.55 4.40
C HIS B 47 -21.84 -19.54 5.38
N PHE B 48 -21.93 -20.82 5.09
CA PHE B 48 -21.42 -21.82 6.05
C PHE B 48 -19.94 -22.17 5.85
N LEU B 49 -19.34 -21.77 4.73
CA LEU B 49 -17.91 -21.95 4.52
C LEU B 49 -17.09 -20.71 4.80
N ALA B 50 -17.71 -19.52 4.83
CA ALA B 50 -16.99 -18.31 5.08
C ALA B 50 -17.63 -17.51 6.22
N VAL B 51 -18.97 -17.27 6.23
CA VAL B 51 -19.62 -16.35 7.23
C VAL B 51 -19.61 -16.98 8.63
N ASN B 52 -20.09 -18.23 8.68
CA ASN B 52 -20.06 -19.11 9.86
C ASN B 52 -18.74 -19.97 9.79
N ARG B 53 -17.59 -19.33 9.49
CA ARG B 53 -16.24 -19.93 9.67
C ARG B 53 -15.10 -18.90 9.56
N SER B 67 0.58 -42.97 17.26
CA SER B 67 1.50 -42.39 16.25
C SER B 67 0.70 -41.48 15.32
N PRO B 68 -0.59 -41.73 15.17
CA PRO B 68 -1.40 -40.91 14.29
C PRO B 68 -1.67 -39.56 14.97
N ALA B 69 -1.74 -38.53 14.14
CA ALA B 69 -1.97 -37.13 14.55
C ALA B 69 -3.34 -36.98 15.21
N PRO B 70 -3.38 -36.23 16.30
CA PRO B 70 -4.63 -35.98 17.01
C PRO B 70 -5.59 -35.26 16.06
N ASP B 71 -5.05 -34.46 15.14
CA ASP B 71 -5.86 -33.79 14.13
C ASP B 71 -5.33 -34.16 12.73
N PRO B 72 -6.16 -34.10 11.69
CA PRO B 72 -5.66 -34.44 10.33
C PRO B 72 -4.45 -33.61 9.97
N PRO B 73 -3.34 -34.26 9.58
CA PRO B 73 -2.11 -33.49 9.42
C PRO B 73 -2.05 -32.52 8.23
N GLY B 74 -2.87 -32.72 7.20
CA GLY B 74 -3.05 -31.75 6.11
C GLY B 74 -4.32 -30.93 6.20
N GLY B 75 -4.94 -30.89 7.37
CA GLY B 75 -6.26 -30.33 7.57
C GLY B 75 -7.38 -31.11 6.93
N LEU B 76 -8.57 -30.57 7.20
CA LEU B 76 -9.82 -31.07 6.72
C LEU B 76 -10.37 -30.02 5.78
N THR B 77 -11.07 -30.48 4.76
CA THR B 77 -11.97 -29.59 3.98
C THR B 77 -13.39 -29.98 4.31
N TYR B 78 -14.30 -29.01 4.16
CA TYR B 78 -15.65 -29.05 4.65
C TYR B 78 -16.63 -28.79 3.51
N PHE B 79 -17.85 -29.27 3.64
CA PHE B 79 -18.93 -28.87 2.81
C PHE B 79 -20.24 -28.92 3.52
N PRO B 80 -21.00 -27.79 3.52
CA PRO B 80 -22.30 -27.77 4.22
C PRO B 80 -23.42 -28.36 3.37
N VAL B 81 -23.97 -29.47 3.84
CA VAL B 81 -24.93 -30.18 3.06
C VAL B 81 -26.14 -29.30 2.88
N ALA B 82 -26.59 -29.22 1.63
CA ALA B 82 -27.73 -28.44 1.26
C ALA B 82 -28.90 -29.32 0.89
N ASP B 83 -29.84 -29.42 1.84
CA ASP B 83 -31.06 -30.23 1.74
C ASP B 83 -32.09 -29.48 0.94
N LEU B 84 -32.81 -30.20 0.10
CA LEU B 84 -33.87 -29.62 -0.73
C LEU B 84 -34.85 -28.86 0.14
N SER B 85 -35.18 -29.42 1.31
CA SER B 85 -36.17 -28.81 2.14
C SER B 85 -35.72 -27.38 2.52
N ILE B 86 -34.45 -27.18 2.81
CA ILE B 86 -33.97 -25.82 3.18
C ILE B 86 -34.01 -24.86 1.96
N ILE B 87 -33.40 -25.30 0.88
CA ILE B 87 -33.30 -24.45 -0.32
C ILE B 87 -34.64 -24.18 -0.91
N ALA B 88 -35.48 -25.21 -1.08
CA ALA B 88 -36.86 -24.99 -1.53
C ALA B 88 -37.65 -23.96 -0.72
N ALA B 89 -37.47 -23.97 0.59
CA ALA B 89 -38.21 -23.05 1.45
C ALA B 89 -37.75 -21.58 1.21
N LEU B 90 -36.43 -21.38 1.09
CA LEU B 90 -35.89 -20.06 0.74
C LEU B 90 -36.36 -19.65 -0.64
N TYR B 91 -36.34 -20.57 -1.59
CA TYR B 91 -36.84 -20.25 -2.91
C TYR B 91 -38.28 -19.80 -2.86
N ALA B 92 -39.13 -20.56 -2.18
CA ALA B 92 -40.58 -20.22 -2.10
C ALA B 92 -40.80 -18.89 -1.43
N ARG B 93 -40.02 -18.57 -0.42
CA ARG B 93 -40.17 -17.26 0.24
C ARG B 93 -39.88 -16.10 -0.75
N PHE B 94 -38.85 -16.27 -1.58
CA PHE B 94 -38.48 -15.20 -2.54
C PHE B 94 -39.54 -15.05 -3.61
N THR B 95 -39.91 -16.15 -4.24
CA THR B 95 -40.87 -16.10 -5.32
C THR B 95 -42.23 -15.60 -4.85
N ALA B 96 -42.66 -16.05 -3.67
CA ALA B 96 -43.93 -15.55 -3.07
C ALA B 96 -43.89 -14.06 -2.76
N GLN B 97 -42.80 -13.58 -2.19
CA GLN B 97 -42.68 -12.15 -1.93
C GLN B 97 -42.78 -11.30 -3.22
N ILE B 98 -42.03 -11.66 -4.23
CA ILE B 98 -42.05 -10.89 -5.46
C ILE B 98 -43.40 -11.01 -6.17
N ARG B 99 -43.87 -12.25 -6.36
CA ARG B 99 -45.22 -12.45 -6.99
C ARG B 99 -46.38 -11.78 -6.28
N GLY B 100 -46.33 -11.79 -4.96
CA GLY B 100 -47.33 -11.14 -4.10
C GLY B 100 -47.31 -9.63 -4.17
N ALA B 101 -46.13 -9.06 -4.40
CA ALA B 101 -45.96 -7.63 -4.44
C ALA B 101 -46.17 -7.02 -5.80
N VAL B 102 -46.12 -7.78 -6.88
CA VAL B 102 -46.21 -7.22 -8.21
C VAL B 102 -47.33 -7.83 -9.02
N ASP B 103 -48.34 -7.02 -9.34
CA ASP B 103 -49.52 -7.48 -10.02
C ASP B 103 -49.35 -7.13 -11.46
N LEU B 104 -49.00 -8.13 -12.24
CA LEU B 104 -48.68 -7.89 -13.63
C LEU B 104 -49.84 -7.35 -14.48
N SER B 105 -51.09 -7.69 -14.12
CA SER B 105 -52.28 -7.11 -14.75
C SER B 105 -52.32 -5.59 -14.68
N LEU B 106 -51.63 -4.97 -13.73
CA LEU B 106 -51.59 -3.50 -13.65
C LEU B 106 -50.55 -2.83 -14.56
N TYR B 107 -49.79 -3.60 -15.37
CA TYR B 107 -48.66 -3.07 -16.14
C TYR B 107 -48.76 -3.47 -17.61
N PRO B 108 -49.51 -2.66 -18.43
CA PRO B 108 -49.82 -3.12 -19.78
C PRO B 108 -48.51 -3.52 -20.46
N ARG B 109 -48.26 -4.83 -20.45
CA ARG B 109 -47.04 -5.41 -21.01
C ARG B 109 -47.39 -5.83 -22.42
N GLU B 110 -46.93 -5.06 -23.40
CA GLU B 110 -47.66 -5.00 -24.65
C GLU B 110 -47.38 -6.21 -25.53
N GLY B 111 -46.14 -6.60 -25.66
CA GLY B 111 -45.83 -8.01 -25.95
C GLY B 111 -45.04 -8.48 -24.74
N GLY B 112 -43.85 -9.03 -25.00
CA GLY B 112 -42.79 -9.28 -24.00
C GLY B 112 -41.74 -8.18 -23.84
N VAL B 113 -42.17 -6.92 -23.83
CA VAL B 113 -41.30 -5.82 -23.46
C VAL B 113 -41.88 -5.22 -22.18
N SER B 114 -41.05 -5.12 -21.15
CA SER B 114 -41.43 -4.56 -19.88
C SER B 114 -41.35 -3.09 -19.97
N SER B 115 -42.20 -2.42 -19.26
CA SER B 115 -42.19 -0.96 -19.20
C SER B 115 -41.21 -0.49 -18.10
N ARG B 116 -40.82 0.76 -18.21
CA ARG B 116 -39.98 1.36 -17.18
C ARG B 116 -40.72 1.34 -15.86
N GLU B 117 -42.03 1.60 -15.87
CA GLU B 117 -42.78 1.62 -14.64
C GLU B 117 -42.75 0.27 -13.90
N LEU B 118 -42.82 -0.81 -14.67
CA LEU B 118 -42.79 -2.17 -14.11
C LEU B 118 -41.37 -2.48 -13.51
N VAL B 119 -40.34 -2.10 -14.29
CA VAL B 119 -38.98 -2.29 -13.87
C VAL B 119 -38.74 -1.52 -12.57
N LYS B 120 -39.25 -0.28 -12.48
CA LYS B 120 -39.14 0.50 -11.25
C LYS B 120 -39.87 -0.11 -10.09
N LYS B 121 -41.00 -0.71 -10.39
CA LYS B 121 -41.76 -1.35 -9.32
C LYS B 121 -40.98 -2.55 -8.75
N VAL B 122 -40.45 -3.39 -9.63
CA VAL B 122 -39.73 -4.55 -9.18
C VAL B 122 -38.49 -4.10 -8.43
N SER B 123 -37.80 -3.11 -9.00
CA SER B 123 -36.67 -2.50 -8.30
C SER B 123 -37.01 -1.94 -6.91
N ASP B 124 -38.15 -1.26 -6.81
CA ASP B 124 -38.59 -0.74 -5.53
C ASP B 124 -38.94 -1.81 -4.52
N VAL B 125 -39.52 -2.93 -4.99
CA VAL B 125 -39.82 -4.00 -4.09
C VAL B 125 -38.54 -4.48 -3.41
N ILE B 126 -37.49 -4.72 -4.20
CA ILE B 126 -36.22 -5.16 -3.62
C ILE B 126 -35.69 -4.11 -2.67
N TRP B 127 -35.60 -2.88 -3.14
CA TRP B 127 -34.99 -1.76 -2.38
C TRP B 127 -35.68 -1.51 -1.04
N ASN B 128 -37.01 -1.49 -1.03
CA ASN B 128 -37.75 -1.25 0.21
C ASN B 128 -37.68 -2.43 1.16
N SER B 129 -37.28 -3.61 0.70
CA SER B 129 -37.15 -4.78 1.57
C SER B 129 -35.87 -4.79 2.36
N LEU B 130 -34.90 -3.94 2.00
CA LEU B 130 -33.58 -4.02 2.61
C LEU B 130 -33.56 -3.38 3.95
N SER B 131 -32.69 -3.90 4.78
CA SER B 131 -32.40 -3.31 6.12
C SER B 131 -31.92 -1.88 5.95
N ARG B 132 -32.38 -1.01 6.87
CA ARG B 132 -32.10 0.40 6.77
C ARG B 132 -30.61 0.69 6.98
N SER B 133 -29.89 -0.06 7.83
CA SER B 133 -28.48 0.27 8.16
C SER B 133 -27.52 -0.92 8.13
N TYR B 134 -26.50 -0.83 7.27
CA TYR B 134 -25.43 -1.80 7.24
C TYR B 134 -24.34 -1.27 6.39
N PHE B 135 -23.13 -1.75 6.62
CA PHE B 135 -22.00 -1.22 5.86
C PHE B 135 -22.09 -1.68 4.36
N LYS B 136 -21.92 -0.77 3.43
CA LYS B 136 -21.95 -1.06 1.96
C LYS B 136 -20.80 -2.02 1.50
N ASP B 137 -19.68 -2.04 2.23
CA ASP B 137 -18.52 -2.85 1.90
C ASP B 137 -18.50 -4.18 2.63
N ARG B 138 -19.59 -4.53 3.31
CA ARG B 138 -19.71 -5.79 4.00
C ARG B 138 -19.55 -6.95 3.01
N ALA B 139 -18.79 -7.95 3.41
CA ALA B 139 -18.61 -9.20 2.64
C ALA B 139 -19.80 -10.14 2.79
N HIS B 140 -20.00 -10.99 1.79
CA HIS B 140 -20.99 -12.04 1.83
C HIS B 140 -22.44 -11.60 1.84
N ILE B 141 -22.75 -10.42 1.25
CA ILE B 141 -24.13 -9.98 1.11
C ILE B 141 -24.44 -9.69 -0.37
N GLN B 142 -23.96 -10.60 -1.25
CA GLN B 142 -24.09 -10.43 -2.70
C GLN B 142 -25.26 -11.28 -3.23
N SER B 143 -25.64 -12.32 -2.49
CA SER B 143 -26.60 -13.34 -3.03
C SER B 143 -28.01 -13.21 -2.52
N LEU B 144 -28.89 -13.91 -3.19
CA LEU B 144 -30.28 -13.96 -2.76
C LEU B 144 -30.42 -14.61 -1.40
N PHE B 145 -29.45 -15.44 -0.98
CA PHE B 145 -29.48 -16.00 0.35
C PHE B 145 -29.42 -14.86 1.37
N SER B 146 -28.50 -13.93 1.15
CA SER B 146 -28.38 -12.79 2.07
C SER B 146 -29.64 -11.90 2.01
N PHE B 147 -30.23 -11.73 0.82
CA PHE B 147 -31.43 -10.92 0.74
C PHE B 147 -32.57 -11.54 1.61
N ILE B 148 -32.76 -12.85 1.45
CA ILE B 148 -33.92 -13.49 2.05
C ILE B 148 -33.68 -13.69 3.50
N THR B 149 -32.48 -14.08 3.88
CA THR B 149 -32.26 -14.42 5.29
C THR B 149 -31.80 -13.26 6.15
N GLY B 150 -31.23 -12.23 5.54
CA GLY B 150 -30.69 -11.09 6.28
C GLY B 150 -31.14 -9.69 5.81
N THR B 151 -31.93 -9.66 4.74
CA THR B 151 -32.39 -8.43 4.08
C THR B 151 -31.25 -7.46 3.88
N LYS B 152 -30.11 -7.98 3.38
CA LYS B 152 -28.93 -7.17 3.06
C LYS B 152 -28.41 -7.57 1.71
N LEU B 153 -28.15 -6.57 0.87
CA LEU B 153 -27.49 -6.74 -0.40
C LEU B 153 -26.49 -5.61 -0.61
N ASP B 154 -25.35 -5.95 -1.20
CA ASP B 154 -24.39 -4.92 -1.65
C ASP B 154 -24.87 -4.27 -2.93
N SER B 155 -24.13 -3.30 -3.45
CA SER B 155 -24.61 -2.48 -4.55
C SER B 155 -25.07 -3.31 -5.75
N SER B 156 -24.13 -4.07 -6.32
CA SER B 156 -24.45 -4.88 -7.47
C SER B 156 -25.39 -6.06 -7.10
N GLY B 157 -25.41 -6.51 -5.86
CA GLY B 157 -26.38 -7.53 -5.43
C GLY B 157 -27.81 -7.10 -5.55
N VAL B 158 -28.06 -5.79 -5.34
CA VAL B 158 -29.40 -5.24 -5.62
C VAL B 158 -29.78 -5.40 -7.10
N ALA B 159 -28.90 -5.01 -8.01
CA ALA B 159 -29.19 -5.18 -9.46
C ALA B 159 -29.42 -6.65 -9.80
N PHE B 160 -28.55 -7.51 -9.32
CA PHE B 160 -28.77 -8.93 -9.58
C PHE B 160 -30.12 -9.44 -9.05
N ALA B 161 -30.50 -9.00 -7.86
CA ALA B 161 -31.76 -9.39 -7.29
C ALA B 161 -32.98 -8.86 -8.08
N VAL B 162 -32.88 -7.65 -8.67
CA VAL B 162 -33.90 -7.15 -9.53
C VAL B 162 -34.10 -8.03 -10.76
N VAL B 163 -32.98 -8.43 -11.37
CA VAL B 163 -33.02 -9.33 -12.49
C VAL B 163 -33.62 -10.71 -12.08
N GLY B 164 -33.18 -11.28 -11.00
CA GLY B 164 -33.78 -12.54 -10.50
C GLY B 164 -35.28 -12.46 -10.26
N ALA B 165 -35.71 -11.35 -9.64
CA ALA B 165 -37.12 -11.07 -9.44
C ALA B 165 -37.89 -10.97 -10.79
N CYS B 166 -37.32 -10.28 -11.77
CA CYS B 166 -37.88 -10.14 -13.10
C CYS B 166 -37.99 -11.52 -13.78
N GLN B 167 -36.99 -12.38 -13.60
CA GLN B 167 -37.10 -13.76 -14.08
C GLN B 167 -38.23 -14.52 -13.38
N ALA B 168 -38.35 -14.34 -12.10
CA ALA B 168 -39.40 -14.97 -11.34
C ALA B 168 -40.82 -14.55 -11.80
N LEU B 169 -40.97 -13.32 -12.32
CA LEU B 169 -42.18 -12.82 -12.87
C LEU B 169 -42.41 -13.08 -14.35
N GLY B 170 -41.48 -13.78 -14.99
CA GLY B 170 -41.56 -14.07 -16.41
C GLY B 170 -41.20 -12.96 -17.29
N LEU B 171 -40.42 -11.98 -16.82
CA LEU B 171 -40.07 -10.87 -17.65
C LEU B 171 -38.77 -11.12 -18.35
N ARG B 172 -38.89 -11.69 -19.52
CA ARG B 172 -37.73 -12.27 -20.17
C ARG B 172 -36.78 -11.27 -20.81
N ASP B 173 -37.24 -10.05 -20.99
CA ASP B 173 -36.46 -9.00 -21.61
C ASP B 173 -35.54 -8.23 -20.57
N VAL B 174 -35.74 -8.42 -19.30
CA VAL B 174 -34.94 -7.68 -18.29
C VAL B 174 -33.64 -8.41 -17.99
N HIS B 175 -32.50 -7.74 -18.19
CA HIS B 175 -31.20 -8.34 -18.05
C HIS B 175 -30.27 -7.45 -17.25
N LEU B 176 -29.21 -8.08 -16.73
CA LEU B 176 -28.15 -7.38 -16.04
C LEU B 176 -27.22 -6.70 -17.00
N ALA B 177 -26.91 -5.41 -16.77
CA ALA B 177 -25.86 -4.73 -17.44
C ALA B 177 -24.74 -4.46 -16.41
N LEU B 178 -23.52 -4.55 -16.84
CA LEU B 178 -22.32 -4.43 -15.97
C LEU B 178 -21.30 -3.60 -16.69
N SER B 179 -20.73 -2.64 -15.99
CA SER B 179 -19.47 -2.06 -16.40
C SER B 179 -18.33 -2.76 -15.64
N GLU B 180 -17.17 -2.13 -15.52
CA GLU B 180 -16.11 -2.67 -14.70
C GLU B 180 -16.30 -2.38 -13.21
N ASP B 181 -17.28 -1.55 -12.85
CA ASP B 181 -17.46 -1.27 -11.46
C ASP B 181 -18.91 -0.93 -11.05
N HIS B 182 -19.88 -1.10 -11.95
CA HIS B 182 -21.28 -0.72 -11.64
C HIS B 182 -22.20 -1.64 -12.45
N ALA B 183 -23.44 -1.75 -11.98
CA ALA B 183 -24.41 -2.65 -12.54
C ALA B 183 -25.73 -1.90 -12.63
N TRP B 184 -26.50 -2.20 -13.67
CA TRP B 184 -27.86 -1.68 -13.82
C TRP B 184 -28.67 -2.70 -14.67
N VAL B 185 -29.80 -2.29 -15.20
CA VAL B 185 -30.62 -3.22 -15.97
C VAL B 185 -30.92 -2.64 -17.34
N VAL B 186 -31.02 -3.56 -18.27
CA VAL B 186 -31.48 -3.26 -19.63
C VAL B 186 -32.78 -4.00 -19.86
N PHE B 187 -33.58 -3.46 -20.77
CA PHE B 187 -34.87 -4.03 -21.04
C PHE B 187 -35.41 -3.44 -22.30
N GLY B 188 -36.57 -3.97 -22.66
CA GLY B 188 -37.27 -3.45 -23.79
C GLY B 188 -36.83 -4.10 -25.05
N PRO B 189 -37.35 -3.56 -26.18
CA PRO B 189 -37.31 -4.29 -27.43
C PRO B 189 -36.00 -5.01 -27.69
N ASN B 190 -34.88 -4.32 -27.68
CA ASN B 190 -33.59 -4.98 -28.01
C ASN B 190 -32.56 -4.95 -26.91
N GLY B 191 -33.00 -4.97 -25.67
CA GLY B 191 -32.12 -4.50 -24.63
C GLY B 191 -31.81 -3.01 -24.76
N GLU B 192 -32.70 -2.25 -25.42
CA GLU B 192 -32.44 -0.87 -25.82
C GLU B 192 -32.71 0.14 -24.70
N GLN B 193 -33.55 -0.20 -23.74
CA GLN B 193 -33.81 0.71 -22.63
C GLN B 193 -32.86 0.42 -21.49
N THR B 194 -32.53 1.46 -20.72
CA THR B 194 -31.72 1.26 -19.54
C THR B 194 -32.36 1.90 -18.36
N ALA B 195 -32.18 1.28 -17.18
CA ALA B 195 -32.62 1.83 -15.92
C ALA B 195 -31.61 1.53 -14.80
N GLU B 196 -31.19 2.59 -14.10
CA GLU B 196 -30.47 2.45 -12.82
C GLU B 196 -31.42 1.84 -11.77
N VAL B 197 -30.92 0.88 -11.04
CA VAL B 197 -31.62 0.24 -9.95
C VAL B 197 -30.88 0.18 -8.64
N THR B 198 -29.65 0.62 -8.55
CA THR B 198 -28.97 0.55 -7.29
C THR B 198 -28.15 1.83 -7.05
N TRP B 199 -27.48 1.90 -5.92
CA TRP B 199 -26.54 3.02 -5.67
C TRP B 199 -25.14 2.70 -6.24
N HIS B 200 -24.30 3.72 -6.35
CA HIS B 200 -22.90 3.53 -6.60
C HIS B 200 -22.05 4.40 -5.66
N GLY B 201 -21.00 3.82 -5.08
CA GLY B 201 -20.07 4.55 -4.21
C GLY B 201 -20.73 5.02 -2.92
N LYS B 202 -20.18 6.07 -2.30
CA LYS B 202 -20.61 6.50 -0.98
C LYS B 202 -21.05 7.93 -1.09
N GLY B 203 -22.22 8.24 -0.52
CA GLY B 203 -22.71 9.62 -0.42
C GLY B 203 -22.97 10.33 -1.74
N ASN B 204 -23.23 9.54 -2.77
CA ASN B 204 -23.52 10.07 -4.10
C ASN B 204 -25.03 10.20 -4.22
N GLU B 205 -25.47 10.81 -5.31
CA GLU B 205 -26.90 11.21 -5.42
C GLU B 205 -27.65 10.23 -6.33
N ASP B 206 -28.95 10.25 -6.18
CA ASP B 206 -29.70 9.03 -6.44
C ASP B 206 -30.26 9.09 -7.86
N ARG B 207 -29.87 8.13 -8.69
CA ARG B 207 -30.34 8.14 -10.07
C ARG B 207 -31.22 6.92 -10.34
N ARG B 208 -31.72 6.25 -9.30
CA ARG B 208 -32.57 5.08 -9.51
C ARG B 208 -33.75 5.42 -10.48
N GLY B 209 -34.01 4.54 -11.43
CA GLY B 209 -35.01 4.71 -12.48
C GLY B 209 -34.51 5.39 -13.74
N GLN B 210 -33.40 6.14 -13.69
CA GLN B 210 -32.92 6.88 -14.82
C GLN B 210 -32.24 5.96 -15.88
N THR B 211 -32.11 6.48 -17.10
CA THR B 211 -31.29 5.84 -18.11
C THR B 211 -29.79 6.01 -17.72
N VAL B 212 -28.91 5.37 -18.47
CA VAL B 212 -27.46 5.59 -18.34
C VAL B 212 -26.91 6.45 -19.44
N ASN B 213 -27.79 7.22 -20.15
CA ASN B 213 -27.33 7.96 -21.31
C ASN B 213 -26.35 9.07 -20.93
N ALA B 214 -26.57 9.76 -19.80
CA ALA B 214 -25.66 10.81 -19.41
C ALA B 214 -24.29 10.26 -19.11
N GLY B 215 -24.25 9.08 -18.49
CA GLY B 215 -22.97 8.53 -18.15
C GLY B 215 -22.18 8.01 -19.33
N VAL B 216 -22.87 7.48 -20.33
CA VAL B 216 -22.26 7.12 -21.59
C VAL B 216 -21.70 8.34 -22.26
N ALA B 217 -22.50 9.43 -22.31
CA ALA B 217 -22.08 10.65 -23.02
C ALA B 217 -20.93 11.38 -22.36
N GLU B 218 -20.83 11.29 -21.02
CA GLU B 218 -19.80 11.99 -20.29
C GLU B 218 -18.45 11.34 -20.45
N ARG B 219 -18.43 10.13 -21.05
CA ARG B 219 -17.16 9.40 -21.25
C ARG B 219 -16.44 9.03 -19.96
N SER B 220 -17.20 8.78 -18.91
CA SER B 220 -16.68 8.23 -17.67
C SER B 220 -16.33 6.76 -17.82
N TRP B 221 -15.25 6.35 -17.18
CA TRP B 221 -14.96 4.92 -17.13
C TRP B 221 -16.11 4.11 -16.59
N LEU B 222 -16.85 4.63 -15.61
CA LEU B 222 -17.89 3.89 -15.03
C LEU B 222 -18.96 3.35 -16.05
N TYR B 223 -19.18 4.05 -17.16
CA TYR B 223 -20.14 3.62 -18.16
C TYR B 223 -19.50 3.14 -19.47
N LEU B 224 -18.19 3.09 -19.48
CA LEU B 224 -17.40 2.51 -20.54
C LEU B 224 -17.68 3.05 -21.92
N LYS B 225 -18.10 4.31 -22.00
CA LYS B 225 -18.50 4.90 -23.28
C LYS B 225 -19.53 4.04 -24.02
N GLY B 226 -20.36 3.29 -23.30
CA GLY B 226 -21.37 2.46 -23.98
C GLY B 226 -20.92 1.05 -24.26
N SER B 227 -19.63 0.75 -24.03
CA SER B 227 -19.10 -0.62 -24.31
C SER B 227 -19.12 -1.51 -23.11
N TYR B 228 -20.22 -1.48 -22.39
CA TYR B 228 -20.49 -2.28 -21.24
C TYR B 228 -21.17 -3.58 -21.55
N MET B 229 -21.14 -4.46 -20.58
CA MET B 229 -21.65 -5.82 -20.79
C MET B 229 -23.19 -5.83 -20.71
N ARG B 230 -23.84 -6.37 -21.74
CA ARG B 230 -25.30 -6.62 -21.68
C ARG B 230 -25.50 -8.12 -21.53
N CYS B 231 -25.89 -8.57 -20.35
CA CYS B 231 -25.81 -10.02 -20.12
C CYS B 231 -27.06 -10.73 -20.72
N ASP B 232 -26.87 -11.97 -21.19
CA ASP B 232 -28.02 -12.91 -21.35
C ASP B 232 -28.09 -13.71 -20.03
N ARG B 233 -29.05 -14.61 -19.89
CA ARG B 233 -29.18 -15.39 -18.66
C ARG B 233 -27.97 -16.17 -18.30
N LYS B 234 -27.27 -16.73 -19.29
CA LYS B 234 -26.08 -17.50 -18.96
C LYS B 234 -24.94 -16.64 -18.37
N MET B 235 -24.79 -15.42 -18.91
CA MET B 235 -23.81 -14.50 -18.40
C MET B 235 -24.17 -13.97 -17.00
N GLU B 236 -25.46 -13.93 -16.71
CA GLU B 236 -25.94 -13.63 -15.33
C GLU B 236 -25.54 -14.72 -14.33
N VAL B 237 -25.49 -15.99 -14.81
CA VAL B 237 -24.91 -17.04 -14.04
C VAL B 237 -23.45 -16.83 -13.85
N ALA B 238 -22.72 -16.50 -14.93
CA ALA B 238 -21.31 -16.25 -14.81
C ALA B 238 -21.02 -15.10 -13.78
N PHE B 239 -21.87 -14.11 -13.78
CA PHE B 239 -21.70 -13.02 -12.80
C PHE B 239 -21.80 -13.50 -11.34
N MET B 240 -22.82 -14.33 -11.04
CA MET B 240 -23.00 -14.85 -9.68
C MET B 240 -21.81 -15.67 -9.26
N VAL B 241 -21.17 -16.38 -10.23
CA VAL B 241 -20.01 -17.16 -9.93
C VAL B 241 -18.81 -16.27 -9.62
N CYS B 242 -18.60 -15.24 -10.45
CA CYS B 242 -17.57 -14.23 -10.16
C CYS B 242 -17.83 -13.53 -8.80
N ALA B 243 -19.09 -13.43 -8.39
CA ALA B 243 -19.44 -12.78 -7.11
C ALA B 243 -19.20 -13.59 -5.86
N ILE B 244 -18.92 -14.91 -6.02
CA ILE B 244 -18.50 -15.71 -4.91
C ILE B 244 -17.31 -15.05 -4.23
N ASN B 245 -17.36 -14.95 -2.91
CA ASN B 245 -16.36 -14.28 -2.14
C ASN B 245 -15.74 -15.26 -1.16
N PRO B 246 -14.59 -15.81 -1.49
CA PRO B 246 -13.93 -16.78 -0.55
C PRO B 246 -13.34 -16.20 0.76
N SER B 247 -13.32 -14.88 0.92
CA SER B 247 -12.67 -14.26 2.08
C SER B 247 -13.33 -14.59 3.38
N ILE B 248 -12.53 -15.14 4.30
CA ILE B 248 -13.01 -15.39 5.68
C ILE B 248 -12.62 -14.17 6.53
N ASP B 249 -11.39 -13.69 6.35
CA ASP B 249 -10.98 -12.38 6.84
C ASP B 249 -9.86 -11.85 5.95
N LEU B 250 -9.36 -10.65 6.29
CA LEU B 250 -8.28 -10.00 5.53
C LEU B 250 -7.14 -10.96 5.14
N HIS B 251 -6.66 -11.75 6.08
CA HIS B 251 -5.46 -12.58 5.87
C HIS B 251 -5.82 -14.06 5.50
N THR B 252 -7.09 -14.42 5.29
CA THR B 252 -7.43 -15.84 5.03
C THR B 252 -8.68 -16.17 4.13
N ASP B 253 -8.50 -17.07 3.15
CA ASP B 253 -9.52 -17.48 2.19
C ASP B 253 -9.98 -18.92 2.40
N SER B 254 -11.25 -19.19 2.12
CA SER B 254 -11.71 -20.53 2.04
C SER B 254 -11.20 -21.18 0.76
N LEU B 255 -10.39 -22.25 0.89
N LEU B 255 -10.34 -22.17 0.94
CA LEU B 255 -9.95 -23.04 -0.26
CA LEU B 255 -9.89 -22.94 -0.16
C LEU B 255 -11.11 -23.67 -0.99
C LEU B 255 -11.06 -23.55 -0.92
N GLU B 256 -12.09 -24.06 -0.21
CA GLU B 256 -13.29 -24.68 -0.80
C GLU B 256 -14.05 -23.77 -1.76
N LEU B 257 -14.30 -22.55 -1.29
CA LEU B 257 -14.94 -21.56 -2.18
C LEU B 257 -14.09 -21.19 -3.42
N LEU B 258 -12.80 -21.07 -3.26
CA LEU B 258 -11.89 -20.87 -4.42
C LEU B 258 -12.02 -22.03 -5.40
N GLN B 259 -12.02 -23.28 -4.92
CA GLN B 259 -12.19 -24.42 -5.81
C GLN B 259 -13.53 -24.47 -6.48
N LEU B 260 -14.61 -24.18 -5.72
CA LEU B 260 -15.92 -24.10 -6.30
C LEU B 260 -16.03 -23.03 -7.43
N GLN B 261 -15.49 -21.83 -7.17
CA GLN B 261 -15.52 -20.79 -8.17
C GLN B 261 -14.75 -21.23 -9.40
N GLN B 262 -13.58 -21.80 -9.17
CA GLN B 262 -12.69 -22.30 -10.23
C GLN B 262 -13.40 -23.32 -11.12
N LYS B 263 -14.04 -24.33 -10.50
CA LYS B 263 -14.72 -25.38 -11.25
C LYS B 263 -15.86 -24.87 -11.95
N LEU B 264 -16.62 -23.97 -11.32
CA LEU B 264 -17.74 -23.36 -12.02
C LEU B 264 -17.35 -22.50 -13.21
N LEU B 265 -16.30 -21.72 -13.06
CA LEU B 265 -15.85 -20.91 -14.21
C LEU B 265 -15.41 -21.87 -15.39
N TRP B 266 -14.73 -22.97 -15.09
CA TRP B 266 -14.36 -23.89 -16.20
C TRP B 266 -15.58 -24.45 -16.92
N LEU B 267 -16.66 -24.72 -16.15
CA LEU B 267 -17.92 -25.16 -16.69
C LEU B 267 -18.46 -24.14 -17.67
N LEU B 268 -18.55 -22.89 -17.21
CA LEU B 268 -19.04 -21.82 -18.06
C LEU B 268 -18.13 -21.62 -19.26
N TYR B 269 -16.82 -21.70 -19.06
CA TYR B 269 -15.85 -21.53 -20.14
C TYR B 269 -16.17 -22.56 -21.29
N ASP B 270 -16.23 -23.81 -20.88
CA ASP B 270 -16.60 -24.92 -21.82
C ASP B 270 -17.87 -24.72 -22.56
N LEU B 271 -18.89 -24.12 -21.92
CA LEU B 271 -20.14 -23.84 -22.58
C LEU B 271 -20.18 -22.59 -23.44
N GLY B 272 -19.08 -21.83 -23.48
CA GLY B 272 -19.04 -20.63 -24.31
C GLY B 272 -19.53 -19.37 -23.56
N HIS B 273 -19.82 -19.50 -22.27
CA HIS B 273 -20.46 -18.38 -21.56
C HIS B 273 -19.50 -17.38 -20.97
N LEU B 274 -18.21 -17.55 -21.11
CA LEU B 274 -17.26 -16.52 -20.71
C LEU B 274 -16.68 -15.80 -21.91
N GLU B 275 -17.10 -16.15 -23.11
CA GLU B 275 -16.51 -15.53 -24.32
C GLU B 275 -16.56 -14.00 -24.31
N ARG B 276 -17.68 -13.50 -23.83
CA ARG B 276 -17.95 -12.07 -23.79
C ARG B 276 -17.76 -11.48 -22.38
N TYR B 277 -16.92 -12.10 -21.60
CA TYR B 277 -16.77 -11.75 -20.18
C TYR B 277 -15.31 -11.64 -19.82
N PRO B 278 -14.61 -10.56 -20.26
CA PRO B 278 -13.21 -10.45 -19.99
C PRO B 278 -12.77 -10.61 -18.53
N MET B 279 -13.52 -9.98 -17.60
CA MET B 279 -13.15 -10.05 -16.15
C MET B 279 -13.28 -11.50 -15.64
N ALA B 280 -14.26 -12.27 -16.12
CA ALA B 280 -14.34 -13.69 -15.70
C ALA B 280 -13.09 -14.50 -16.14
N LEU B 281 -12.62 -14.20 -17.33
CA LEU B 281 -11.43 -14.86 -17.87
C LEU B 281 -10.25 -14.49 -17.09
N GLY B 282 -10.16 -13.23 -16.66
CA GLY B 282 -9.03 -12.83 -15.83
C GLY B 282 -9.09 -13.48 -14.47
N ASN B 283 -10.30 -13.55 -13.91
CA ASN B 283 -10.52 -14.22 -12.64
C ASN B 283 -10.08 -15.71 -12.78
N LEU B 284 -10.49 -16.33 -13.89
CA LEU B 284 -10.07 -17.77 -14.07
C LEU B 284 -8.55 -17.95 -14.21
N ALA B 285 -7.89 -17.05 -14.97
CA ALA B 285 -6.42 -16.97 -15.06
C ALA B 285 -5.71 -16.86 -13.74
N ASP B 286 -6.18 -15.95 -12.88
CA ASP B 286 -5.66 -15.82 -11.52
C ASP B 286 -5.77 -17.10 -10.64
N LEU B 287 -6.93 -17.76 -10.70
CA LEU B 287 -7.20 -18.98 -9.97
C LEU B 287 -6.23 -20.11 -10.47
N GLU B 288 -6.03 -20.18 -11.77
CA GLU B 288 -5.11 -21.13 -12.43
C GLU B 288 -3.71 -20.93 -12.05
N GLU B 289 -3.29 -19.68 -11.88
CA GLU B 289 -1.95 -19.42 -11.41
C GLU B 289 -1.82 -19.99 -9.99
N LEU B 290 -2.80 -19.75 -9.16
CA LEU B 290 -2.79 -20.28 -7.77
C LEU B 290 -2.79 -21.80 -7.75
N GLU B 291 -3.61 -22.42 -8.57
CA GLU B 291 -3.71 -23.88 -8.55
C GLU B 291 -4.03 -24.35 -9.94
N PRO B 292 -3.01 -24.67 -10.78
CA PRO B 292 -3.29 -25.05 -12.16
C PRO B 292 -4.10 -26.32 -12.28
N THR B 293 -5.04 -26.34 -13.23
CA THR B 293 -5.87 -27.47 -13.48
C THR B 293 -5.17 -28.29 -14.65
N PRO B 294 -4.77 -29.56 -14.42
CA PRO B 294 -4.21 -30.39 -15.50
C PRO B 294 -4.98 -30.35 -16.77
N GLY B 295 -4.30 -30.14 -17.88
CA GLY B 295 -4.91 -30.24 -19.21
C GLY B 295 -5.50 -28.94 -19.71
N ARG B 296 -5.46 -27.89 -18.88
CA ARG B 296 -6.09 -26.61 -19.25
C ARG B 296 -5.12 -25.59 -19.78
N PRO B 297 -5.62 -24.61 -20.57
CA PRO B 297 -4.75 -23.47 -20.92
C PRO B 297 -4.04 -22.82 -19.73
N ASP B 298 -2.84 -22.32 -19.96
CA ASP B 298 -2.08 -21.68 -18.93
C ASP B 298 -2.60 -20.24 -18.67
N PRO B 299 -2.22 -19.66 -17.54
CA PRO B 299 -2.74 -18.33 -17.25
C PRO B 299 -2.54 -17.31 -18.35
N LEU B 300 -1.37 -17.30 -19.00
CA LEU B 300 -1.13 -16.30 -20.06
C LEU B 300 -2.11 -16.40 -21.13
N THR B 301 -2.44 -17.63 -21.54
CA THR B 301 -3.37 -17.86 -22.60
C THR B 301 -4.72 -17.28 -22.23
N LEU B 302 -5.11 -17.48 -20.97
CA LEU B 302 -6.35 -16.93 -20.50
C LEU B 302 -6.37 -15.39 -20.41
N TYR B 303 -5.29 -14.77 -19.93
CA TYR B 303 -5.26 -13.28 -19.88
C TYR B 303 -5.40 -12.76 -21.32
N HIS B 304 -4.67 -13.38 -22.24
CA HIS B 304 -4.75 -12.98 -23.66
C HIS B 304 -6.17 -13.17 -24.19
N LYS B 305 -6.83 -14.25 -23.81
CA LYS B 305 -8.24 -14.49 -24.21
C LYS B 305 -9.09 -13.34 -23.68
N GLY B 306 -8.86 -12.89 -22.44
CA GLY B 306 -9.63 -11.75 -21.95
C GLY B 306 -9.46 -10.46 -22.76
N ILE B 307 -8.24 -10.17 -23.16
CA ILE B 307 -7.94 -9.02 -24.02
C ILE B 307 -8.57 -9.18 -25.41
N ALA B 308 -8.48 -10.38 -25.96
CA ALA B 308 -9.15 -10.66 -27.25
C ALA B 308 -10.68 -10.47 -27.18
N SER B 309 -11.29 -10.89 -26.08
CA SER B 309 -12.65 -10.64 -25.80
C SER B 309 -13.00 -9.14 -25.76
N ALA B 310 -12.22 -8.35 -25.00
CA ALA B 310 -12.48 -6.90 -24.96
C ALA B 310 -12.31 -6.28 -26.36
N LYS B 311 -11.31 -6.76 -27.12
CA LYS B 311 -11.15 -6.27 -28.50
C LYS B 311 -12.28 -6.61 -29.45
N THR B 312 -12.83 -7.78 -29.27
CA THR B 312 -13.88 -8.33 -30.17
C THR B 312 -15.25 -7.75 -29.87
N TYR B 313 -15.59 -7.65 -28.58
CA TYR B 313 -16.97 -7.39 -28.17
C TYR B 313 -17.19 -6.04 -27.56
N TYR B 314 -16.11 -5.39 -27.15
CA TYR B 314 -16.21 -4.15 -26.36
C TYR B 314 -15.32 -3.03 -26.90
N ARG B 315 -14.99 -3.08 -28.20
CA ARG B 315 -14.25 -2.00 -28.81
C ARG B 315 -12.91 -1.67 -28.21
N ASP B 316 -12.30 -2.63 -27.52
CA ASP B 316 -11.10 -2.46 -26.81
C ASP B 316 -11.15 -1.22 -25.82
N GLU B 317 -12.24 -1.08 -25.12
CA GLU B 317 -12.47 0.08 -24.24
C GLU B 317 -12.51 -0.32 -22.74
N HIS B 318 -12.07 -1.53 -22.43
CA HIS B 318 -11.96 -2.04 -21.06
C HIS B 318 -10.55 -1.90 -20.54
N ILE B 319 -10.46 -1.66 -19.24
CA ILE B 319 -9.21 -1.44 -18.56
C ILE B 319 -8.65 -2.69 -17.91
N TYR B 320 -9.48 -3.46 -17.24
CA TYR B 320 -8.99 -4.60 -16.50
C TYR B 320 -8.29 -5.70 -17.30
N PRO B 321 -8.64 -5.90 -18.56
CA PRO B 321 -7.94 -7.03 -19.26
C PRO B 321 -6.43 -6.77 -19.29
N TYR B 322 -6.05 -5.52 -19.46
CA TYR B 322 -4.62 -5.21 -19.46
C TYR B 322 -4.04 -5.20 -18.08
N MET B 323 -4.80 -4.71 -17.10
N MET B 323 -4.80 -4.77 -17.08
CA MET B 323 -4.33 -4.76 -15.71
CA MET B 323 -4.26 -4.78 -15.73
C MET B 323 -4.10 -6.19 -15.18
C MET B 323 -4.11 -6.21 -15.17
N TYR B 324 -4.99 -7.12 -15.55
CA TYR B 324 -4.83 -8.51 -15.11
C TYR B 324 -3.49 -9.05 -15.64
N LEU B 325 -3.22 -8.73 -16.89
CA LEU B 325 -1.98 -9.20 -17.56
C LEU B 325 -0.76 -8.57 -16.95
N ALA B 326 -0.83 -7.28 -16.73
CA ALA B 326 0.29 -6.59 -16.09
C ALA B 326 0.62 -7.16 -14.70
N GLY B 327 -0.42 -7.47 -13.93
CA GLY B 327 -0.27 -8.10 -12.61
C GLY B 327 0.44 -9.44 -12.66
N TYR B 328 0.05 -10.28 -13.60
CA TYR B 328 0.70 -11.54 -13.81
C TYR B 328 2.16 -11.37 -14.14
N HIS B 329 2.46 -10.45 -15.04
CA HIS B 329 3.87 -10.20 -15.38
C HIS B 329 4.65 -9.67 -14.23
N CYS B 330 4.03 -8.80 -13.46
CA CYS B 330 4.70 -8.21 -12.31
C CYS B 330 5.04 -9.30 -11.23
N ARG B 331 4.08 -10.18 -10.97
CA ARG B 331 4.31 -11.23 -10.00
C ARG B 331 5.38 -12.18 -10.49
N ASN B 332 5.50 -12.37 -11.78
CA ASN B 332 6.51 -13.26 -12.35
C ASN B 332 7.83 -12.59 -12.76
N ARG B 333 8.04 -11.33 -12.35
CA ARG B 333 9.28 -10.58 -12.57
C ARG B 333 9.58 -10.35 -14.01
N ASN B 334 8.54 -10.25 -14.82
CA ASN B 334 8.75 -9.96 -16.22
C ASN B 334 8.63 -8.42 -16.35
N VAL B 335 9.72 -7.71 -16.15
CA VAL B 335 9.65 -6.25 -16.08
C VAL B 335 9.15 -5.60 -17.37
N ARG B 336 9.79 -5.93 -18.51
CA ARG B 336 9.38 -5.37 -19.79
C ARG B 336 7.93 -5.57 -20.14
N GLU B 337 7.47 -6.79 -19.93
CA GLU B 337 6.12 -7.14 -20.28
C GLU B 337 5.05 -6.52 -19.39
N ALA B 338 5.39 -6.36 -18.13
CA ALA B 338 4.51 -5.67 -17.22
C ALA B 338 4.38 -4.22 -17.60
N LEU B 339 5.51 -3.57 -17.91
CA LEU B 339 5.47 -2.15 -18.31
C LEU B 339 4.72 -1.99 -19.57
N GLN B 340 4.90 -2.92 -20.49
CA GLN B 340 4.12 -2.87 -21.72
C GLN B 340 2.62 -2.97 -21.48
N ALA B 341 2.18 -3.91 -20.65
CA ALA B 341 0.80 -4.01 -20.29
C ALA B 341 0.20 -2.75 -19.58
N TRP B 342 0.95 -2.12 -18.68
CA TRP B 342 0.48 -0.89 -18.12
C TRP B 342 0.47 0.26 -19.12
N ALA B 343 1.45 0.32 -20.03
CA ALA B 343 1.34 1.25 -21.19
C ALA B 343 0.08 1.04 -22.00
N ASP B 344 -0.29 -0.21 -22.27
CA ASP B 344 -1.55 -0.49 -22.99
C ASP B 344 -2.76 -0.11 -22.15
N THR B 345 -2.66 -0.28 -20.83
CA THR B 345 -3.78 0.15 -19.98
C THR B 345 -4.02 1.69 -20.07
N ALA B 346 -2.90 2.42 -20.05
CA ALA B 346 -2.99 3.89 -20.12
C ALA B 346 -3.44 4.33 -21.46
N THR B 347 -3.16 3.57 -22.50
CA THR B 347 -3.64 3.85 -23.85
C THR B 347 -5.18 3.71 -24.00
N VAL B 348 -5.77 2.83 -23.23
CA VAL B 348 -7.23 2.79 -23.11
C VAL B 348 -7.77 3.97 -22.29
N ILE B 349 -7.19 4.26 -21.13
CA ILE B 349 -7.79 5.23 -20.22
C ILE B 349 -7.68 6.63 -20.80
N GLN B 350 -6.70 6.88 -21.66
CA GLN B 350 -6.54 8.21 -22.15
C GLN B 350 -7.67 8.81 -22.97
N ASP B 351 -8.50 7.92 -23.51
N ASP B 351 -8.49 7.93 -23.55
CA ASP B 351 -9.67 8.26 -24.26
CA ASP B 351 -9.69 8.33 -24.25
C ASP B 351 -10.95 8.32 -23.40
C ASP B 351 -10.96 8.37 -23.38
N TYR B 352 -10.79 8.41 -22.06
CA TYR B 352 -11.88 8.65 -21.14
C TYR B 352 -11.65 10.01 -20.45
N ASN B 353 -12.66 10.52 -19.76
CA ASN B 353 -12.56 11.69 -18.87
C ASN B 353 -12.76 11.23 -17.46
N TYR B 354 -11.87 11.61 -16.53
CA TYR B 354 -11.97 11.22 -15.17
C TYR B 354 -13.16 11.88 -14.48
N CYS B 355 -14.09 11.10 -14.03
CA CYS B 355 -15.31 11.60 -13.35
C CYS B 355 -15.27 11.16 -11.89
N ARG B 356 -16.01 11.83 -11.02
CA ARG B 356 -15.91 11.53 -9.53
C ARG B 356 -16.13 10.03 -9.17
N GLU B 357 -17.12 9.49 -9.87
CA GLU B 357 -17.62 8.14 -9.71
C GLU B 357 -16.58 7.05 -10.16
N ASP B 358 -15.48 7.46 -10.80
CA ASP B 358 -14.41 6.57 -11.30
C ASP B 358 -13.35 6.22 -10.30
N GLU B 359 -13.62 6.49 -9.02
CA GLU B 359 -12.60 6.32 -7.98
C GLU B 359 -11.89 4.95 -7.93
N GLU B 360 -12.62 3.85 -8.20
CA GLU B 360 -12.00 2.55 -8.17
C GLU B 360 -10.85 2.40 -9.13
N ILE B 361 -11.02 2.87 -10.36
CA ILE B 361 -9.91 2.76 -11.28
C ILE B 361 -8.78 3.76 -10.98
N TYR B 362 -9.14 4.91 -10.44
CA TYR B 362 -8.15 5.83 -9.95
C TYR B 362 -7.27 5.13 -8.87
N LYS B 363 -7.90 4.41 -7.95
CA LYS B 363 -7.15 3.65 -6.91
C LYS B 363 -6.17 2.63 -7.51
N GLU B 364 -6.59 1.94 -8.56
N GLU B 364 -6.64 1.92 -8.52
CA GLU B 364 -5.70 1.00 -9.23
CA GLU B 364 -5.80 1.01 -9.26
C GLU B 364 -4.51 1.68 -9.91
C GLU B 364 -4.57 1.67 -9.89
N PHE B 365 -4.76 2.76 -10.65
CA PHE B 365 -3.66 3.51 -11.26
C PHE B 365 -2.73 4.09 -10.22
N PHE B 366 -3.29 4.62 -9.14
CA PHE B 366 -2.48 5.11 -8.00
C PHE B 366 -1.59 4.05 -7.45
N GLU B 367 -2.14 2.85 -7.18
CA GLU B 367 -1.38 1.76 -6.67
C GLU B 367 -0.24 1.30 -7.60
N VAL B 368 -0.55 1.27 -8.87
CA VAL B 368 0.45 0.92 -9.88
C VAL B 368 1.55 1.96 -9.90
N ALA B 369 1.20 3.21 -10.07
CA ALA B 369 2.21 4.28 -10.22
C ALA B 369 3.04 4.50 -8.94
N ASN B 370 2.39 4.43 -7.80
CA ASN B 370 2.99 4.82 -6.51
C ASN B 370 3.43 3.63 -5.63
N ASP B 371 3.26 2.40 -6.12
CA ASP B 371 3.66 1.24 -5.30
C ASP B 371 4.23 0.10 -6.17
N VAL B 372 3.41 -0.43 -7.08
CA VAL B 372 3.80 -1.61 -7.87
C VAL B 372 4.99 -1.31 -8.79
N ILE B 373 4.87 -0.26 -9.59
CA ILE B 373 5.98 0.10 -10.52
C ILE B 373 7.24 0.41 -9.72
N PRO B 374 7.13 1.23 -8.68
CA PRO B 374 8.39 1.45 -7.91
C PRO B 374 9.03 0.19 -7.33
N ASN B 375 8.22 -0.71 -6.77
CA ASN B 375 8.73 -1.97 -6.24
C ASN B 375 9.38 -2.82 -7.32
N LEU B 376 8.74 -2.88 -8.48
CA LEU B 376 9.26 -3.67 -9.60
C LEU B 376 10.57 -3.15 -10.17
N LEU B 377 10.64 -1.83 -10.35
CA LEU B 377 11.90 -1.20 -10.82
C LEU B 377 13.03 -1.31 -9.77
N LYS B 378 12.65 -1.30 -8.49
CA LYS B 378 13.63 -1.52 -7.39
C LYS B 378 14.17 -2.95 -7.45
N GLU B 379 13.29 -3.93 -7.68
CA GLU B 379 13.72 -5.31 -7.85
C GLU B 379 14.65 -5.46 -9.08
N ALA B 380 14.30 -4.81 -10.18
CA ALA B 380 15.15 -4.79 -11.36
C ALA B 380 16.50 -4.17 -11.04
N ALA B 381 16.51 -3.05 -10.33
CA ALA B 381 17.80 -2.46 -9.94
C ALA B 381 18.68 -3.43 -9.12
N SER B 382 18.10 -4.17 -8.19
CA SER B 382 18.88 -5.17 -7.40
C SER B 382 19.46 -6.24 -8.33
N LEU B 383 18.65 -6.75 -9.25
CA LEU B 383 19.13 -7.72 -10.23
C LEU B 383 20.28 -7.16 -11.05
N LEU B 384 20.17 -5.91 -11.45
CA LEU B 384 21.21 -5.24 -12.21
C LEU B 384 22.52 -5.06 -11.44
N GLU B 385 22.41 -4.69 -10.18
CA GLU B 385 23.55 -4.53 -9.26
C GLU B 385 24.29 -5.86 -9.13
N ALA B 386 23.55 -6.94 -8.88
CA ALA B 386 24.13 -8.27 -8.69
C ALA B 386 24.95 -8.69 -9.90
N GLY B 387 24.42 -8.44 -11.10
CA GLY B 387 25.19 -8.59 -12.33
C GLY B 387 26.43 -7.71 -12.48
N GLU B 388 26.49 -7.25 -11.13
CA GLU B 388 27.66 -6.34 -11.35
C GLU B 388 29.01 -7.10 -11.19
N GLY B 402 20.03 -8.74 -20.81
CA GLY B 402 20.20 -7.32 -20.48
C GLY B 402 19.02 -6.75 -19.70
N SER B 403 19.33 -5.89 -18.74
CA SER B 403 18.31 -5.39 -17.82
C SER B 403 17.27 -4.52 -18.53
N ALA B 404 16.04 -4.66 -18.12
CA ALA B 404 15.00 -3.73 -18.53
C ALA B 404 15.40 -2.27 -18.29
N LEU B 405 16.20 -2.01 -17.24
CA LEU B 405 16.61 -0.67 -16.92
C LEU B 405 17.58 -0.06 -17.90
N GLN B 406 18.11 -0.87 -18.80
CA GLN B 406 18.99 -0.38 -19.91
C GLN B 406 18.29 -0.32 -21.22
N ASP B 407 16.98 -0.48 -21.24
CA ASP B 407 16.25 -0.61 -22.46
C ASP B 407 15.38 0.66 -22.66
N PRO B 408 15.72 1.49 -23.68
CA PRO B 408 14.92 2.70 -23.92
C PRO B 408 13.48 2.44 -24.25
N GLU B 409 13.14 1.28 -24.83
CA GLU B 409 11.77 0.92 -25.05
C GLU B 409 10.95 0.73 -23.72
N CYS B 410 11.58 0.16 -22.68
N CYS B 410 11.57 0.15 -22.72
CA CYS B 410 11.01 0.03 -21.30
CA CYS B 410 10.93 0.04 -21.42
C CYS B 410 10.74 1.39 -20.68
C CYS B 410 10.69 1.38 -20.80
N PHE B 411 11.69 2.29 -20.87
CA PHE B 411 11.56 3.66 -20.44
C PHE B 411 10.40 4.30 -21.18
N ALA B 412 10.29 4.07 -22.49
CA ALA B 412 9.17 4.60 -23.24
C ALA B 412 7.82 4.10 -22.68
N HIS B 413 7.75 2.83 -22.28
CA HIS B 413 6.50 2.28 -21.75
C HIS B 413 6.13 3.03 -20.46
N LEU B 414 7.13 3.26 -19.61
CA LEU B 414 6.90 4.05 -18.39
C LEU B 414 6.31 5.43 -18.72
N LEU B 415 6.91 6.10 -19.69
CA LEU B 415 6.40 7.37 -20.12
C LEU B 415 5.01 7.34 -20.76
N ARG B 416 4.71 6.28 -21.50
N ARG B 416 4.69 6.28 -21.49
CA ARG B 416 3.44 6.14 -22.13
CA ARG B 416 3.39 6.16 -22.11
C ARG B 416 2.34 5.98 -21.08
C ARG B 416 2.32 6.01 -21.06
N PHE B 417 2.69 5.30 -19.99
CA PHE B 417 1.77 5.12 -18.83
C PHE B 417 1.41 6.47 -18.22
N TYR B 418 2.43 7.29 -17.94
CA TYR B 418 2.12 8.65 -17.40
C TYR B 418 1.40 9.51 -18.43
N ASP B 419 1.76 9.39 -19.73
CA ASP B 419 1.12 10.21 -20.76
C ASP B 419 -0.37 9.91 -20.84
N GLY B 420 -0.75 8.64 -20.77
CA GLY B 420 -2.16 8.32 -20.79
C GLY B 420 -2.94 8.78 -19.55
N ILE B 421 -2.31 8.70 -18.37
N ILE B 421 -2.30 8.75 -18.40
CA ILE B 421 -2.89 9.27 -17.16
CA ILE B 421 -2.91 9.23 -17.19
C ILE B 421 -3.09 10.79 -17.28
C ILE B 421 -3.09 10.76 -17.26
N CYS B 422 -2.09 11.50 -17.81
CA CYS B 422 -2.22 12.93 -18.05
C CYS B 422 -3.31 13.26 -19.03
N LYS B 423 -3.43 12.48 -20.09
CA LYS B 423 -4.49 12.70 -21.09
C LYS B 423 -5.87 12.40 -20.53
N TRP B 424 -5.95 11.39 -19.64
CA TRP B 424 -7.19 11.09 -18.93
C TRP B 424 -7.66 12.29 -18.14
N GLU B 425 -6.72 12.88 -17.42
CA GLU B 425 -7.02 14.02 -16.56
C GLU B 425 -7.51 15.22 -17.40
N GLU B 426 -6.97 15.38 -18.59
CA GLU B 426 -7.33 16.55 -19.43
C GLU B 426 -8.79 16.64 -19.71
N GLY B 427 -9.37 17.83 -19.41
CA GLY B 427 -10.79 18.06 -19.63
C GLY B 427 -11.67 17.41 -18.59
N SER B 428 -11.06 16.77 -17.61
CA SER B 428 -11.86 16.04 -16.60
C SER B 428 -12.35 17.01 -15.53
N PRO B 429 -13.50 16.71 -14.90
CA PRO B 429 -14.08 17.58 -13.87
C PRO B 429 -13.27 17.58 -12.57
N THR B 430 -12.52 16.52 -12.30
CA THR B 430 -11.71 16.42 -11.06
C THR B 430 -10.25 16.16 -11.43
N PRO B 431 -9.31 16.57 -10.56
CA PRO B 431 -7.87 16.37 -10.80
C PRO B 431 -7.48 14.90 -10.59
N VAL B 432 -6.35 14.49 -11.17
CA VAL B 432 -5.88 13.09 -11.05
C VAL B 432 -4.50 13.14 -10.39
N LEU B 433 -3.62 13.98 -10.94
CA LEU B 433 -2.24 14.00 -10.47
C LEU B 433 -2.04 14.94 -9.26
N HIS B 434 -1.44 14.40 -8.24
CA HIS B 434 -1.15 15.11 -6.97
C HIS B 434 0.37 15.07 -6.72
N VAL B 435 0.84 15.98 -5.88
CA VAL B 435 2.25 15.98 -5.48
C VAL B 435 2.89 14.64 -5.19
N GLY B 436 2.20 13.75 -4.51
CA GLY B 436 2.68 12.41 -4.30
C GLY B 436 2.99 11.56 -5.50
N TRP B 437 2.29 11.81 -6.60
CA TRP B 437 2.61 11.10 -7.76
C TRP B 437 3.95 11.57 -8.28
N ALA B 438 4.24 12.85 -8.11
CA ALA B 438 5.51 13.37 -8.63
C ALA B 438 6.69 12.73 -8.01
N THR B 439 6.67 12.47 -6.70
N THR B 439 6.68 12.51 -6.70
CA THR B 439 7.78 11.83 -6.03
CA THR B 439 7.85 11.90 -6.07
C THR B 439 8.14 10.46 -6.56
C THR B 439 8.13 10.50 -6.62
N PHE B 440 7.11 9.67 -6.84
CA PHE B 440 7.34 8.35 -7.37
C PHE B 440 7.78 8.38 -8.82
N LEU B 441 7.23 9.32 -9.58
CA LEU B 441 7.67 9.54 -10.98
C LEU B 441 9.18 9.80 -11.01
N VAL B 442 9.62 10.75 -10.19
CA VAL B 442 11.01 11.07 -10.10
C VAL B 442 11.90 9.84 -9.76
N GLN B 443 11.47 9.02 -8.80
CA GLN B 443 12.24 7.83 -8.37
C GLN B 443 12.27 6.84 -9.52
N SER B 444 11.13 6.66 -10.21
CA SER B 444 11.13 5.72 -11.32
C SER B 444 11.98 6.19 -12.47
N LEU B 445 11.91 7.48 -12.80
CA LEU B 445 12.73 8.00 -13.89
C LEU B 445 14.21 7.69 -13.59
N GLY B 446 14.59 7.96 -12.35
CA GLY B 446 16.01 7.80 -11.91
C GLY B 446 16.52 6.38 -11.92
N ARG B 447 15.64 5.38 -12.05
CA ARG B 447 16.09 4.00 -12.30
C ARG B 447 16.74 3.76 -13.64
N PHE B 448 16.53 4.69 -14.58
CA PHE B 448 17.09 4.57 -15.93
C PHE B 448 18.17 5.62 -16.10
N GLU B 449 19.37 5.19 -16.50
CA GLU B 449 20.48 6.17 -16.69
C GLU B 449 20.11 7.25 -17.70
N GLY B 450 20.67 8.46 -17.49
CA GLY B 450 20.49 9.54 -18.45
C GLY B 450 20.72 9.13 -19.90
N GLN B 451 21.79 8.39 -20.17
CA GLN B 451 22.08 8.02 -21.56
C GLN B 451 21.01 7.13 -22.17
N VAL B 452 20.41 6.28 -21.35
CA VAL B 452 19.28 5.43 -21.81
C VAL B 452 18.08 6.28 -22.05
N ARG B 453 17.74 7.13 -21.08
CA ARG B 453 16.55 7.96 -21.25
C ARG B 453 16.66 8.90 -22.46
N GLN B 454 17.86 9.43 -22.69
CA GLN B 454 18.12 10.33 -23.84
C GLN B 454 17.91 9.68 -25.18
N LYS B 455 17.87 8.35 -25.20
CA LYS B 455 17.54 7.58 -26.42
C LYS B 455 16.08 7.27 -26.69
N VAL B 456 15.18 7.73 -25.81
CA VAL B 456 13.79 7.32 -25.88
C VAL B 456 13.18 7.81 -27.17
N ARG B 457 12.26 6.99 -27.69
CA ARG B 457 11.48 7.33 -28.91
C ARG B 457 10.00 7.34 -28.55
N ILE B 458 9.42 8.52 -28.43
CA ILE B 458 7.98 8.58 -28.06
C ILE B 458 7.37 9.90 -28.54
N THR B 459 6.10 9.88 -28.93
CA THR B 459 5.41 11.15 -29.22
C THR B 459 4.28 11.23 -28.18
N PHE B 460 4.28 12.31 -27.41
CA PHE B 460 3.28 12.45 -26.32
C PHE B 460 1.95 13.00 -26.84
N GLN B 461 0.89 12.54 -26.23
CA GLN B 461 -0.44 13.03 -26.50
C GLN B 461 -0.95 14.03 -25.51
N SER B 462 -0.36 14.08 -24.30
CA SER B 462 -0.83 15.00 -23.29
C SER B 462 0.00 16.26 -23.28
N GLU B 463 -0.68 17.34 -22.95
CA GLU B 463 0.02 18.65 -22.82
C GLU B 463 1.08 18.63 -21.68
N LYS B 464 0.74 17.98 -20.56
CA LYS B 464 1.68 17.92 -19.43
C LYS B 464 2.93 17.25 -19.88
N MET B 465 2.84 16.09 -20.58
CA MET B 465 4.11 15.39 -20.85
C MET B 465 4.91 16.04 -21.95
N LYS B 466 4.20 16.57 -22.97
CA LYS B 466 4.86 17.37 -23.98
C LYS B 466 5.71 18.48 -23.33
N GLY B 467 5.14 19.17 -22.35
CA GLY B 467 5.85 20.20 -21.64
C GLY B 467 7.03 19.75 -20.80
N MET B 468 7.07 18.49 -20.33
CA MET B 468 8.17 18.12 -19.51
C MET B 468 9.13 17.22 -20.18
N LYS B 469 9.02 17.12 -21.49
CA LYS B 469 9.88 16.24 -22.19
C LYS B 469 11.37 16.43 -21.96
N GLU B 470 11.84 17.68 -21.85
CA GLU B 470 13.29 17.92 -21.51
C GLU B 470 13.66 17.47 -20.08
N LEU B 471 12.78 17.72 -19.12
CA LEU B 471 13.00 17.33 -17.74
C LEU B 471 13.09 15.80 -17.60
N LEU B 472 12.33 15.09 -18.43
CA LEU B 472 12.26 13.60 -18.33
C LEU B 472 13.52 12.91 -18.80
N VAL B 473 14.24 13.56 -19.70
CA VAL B 473 15.40 12.98 -20.29
C VAL B 473 16.72 13.64 -19.84
N ALA B 474 16.65 14.66 -18.95
CA ALA B 474 17.89 15.34 -18.48
C ALA B 474 18.73 14.42 -17.62
N THR B 475 20.06 14.58 -17.69
CA THR B 475 20.96 13.71 -16.90
C THR B 475 20.68 13.88 -15.41
N LYS B 476 20.52 15.11 -14.95
CA LYS B 476 20.20 15.45 -13.57
C LYS B 476 18.70 15.73 -13.53
N ILE B 477 17.98 14.91 -12.80
CA ILE B 477 16.55 15.05 -12.68
C ILE B 477 16.19 16.17 -11.70
N ASN B 478 15.37 17.11 -12.15
CA ASN B 478 14.94 18.26 -11.37
C ASN B 478 13.58 17.99 -10.71
N SER B 479 13.61 17.54 -9.46
CA SER B 479 12.42 17.09 -8.73
C SER B 479 11.39 18.20 -8.62
N SER B 480 11.81 19.43 -8.27
N SER B 480 11.83 19.44 -8.27
CA SER B 480 10.84 20.50 -8.08
CA SER B 480 10.93 20.57 -8.11
C SER B 480 10.18 20.92 -9.39
C SER B 480 10.19 20.93 -9.39
N ALA B 481 10.90 20.95 -10.50
CA ALA B 481 10.27 21.29 -11.82
C ALA B 481 9.27 20.22 -12.29
N ILE B 482 9.63 18.97 -12.07
CA ILE B 482 8.71 17.84 -12.43
C ILE B 482 7.51 17.91 -11.61
N LYS B 483 7.68 18.15 -10.33
CA LYS B 483 6.54 18.26 -9.47
C LYS B 483 5.55 19.41 -9.80
N LEU B 484 6.12 20.58 -10.10
CA LEU B 484 5.30 21.71 -10.54
C LEU B 484 4.55 21.38 -11.84
N GLN B 485 5.25 20.78 -12.80
N GLN B 485 5.21 20.79 -12.81
CA GLN B 485 4.66 20.51 -14.15
CA GLN B 485 4.56 20.61 -14.11
C GLN B 485 3.56 19.45 -14.03
C GLN B 485 3.62 19.38 -14.17
N LEU B 486 3.90 18.36 -13.36
CA LEU B 486 2.96 17.21 -13.23
C LEU B 486 1.72 17.65 -12.52
N THR B 487 1.78 18.58 -11.57
CA THR B 487 0.60 18.89 -10.73
C THR B 487 -0.09 20.16 -11.14
N ALA B 488 0.34 20.78 -12.24
CA ALA B 488 -0.27 22.02 -12.73
C ALA B 488 -1.75 21.79 -13.05
N GLN B 489 -2.58 22.82 -12.84
CA GLN B 489 -3.98 22.72 -13.20
C GLN B 489 -4.08 22.54 -14.73
F OP4 C . 20.02 10.29 8.26
C30 OP4 C . 19.16 9.51 8.91
C31 OP4 C . 18.98 8.18 8.47
C7 OP4 C . 18.08 7.39 9.18
C6 OP4 C . 17.69 6.01 8.79
O OP4 C . 16.66 5.94 8.07
N OP4 C . 18.39 4.96 9.12
C3 OP4 C . 19.67 5.06 9.80
C5 OP4 C . 20.89 4.75 8.86
C4 OP4 C . 19.61 4.23 11.08
C1 OP4 C . 17.99 3.62 8.63
C2 OP4 C . 17.88 3.59 7.13
C OP4 C . 16.69 3.10 9.34
C29 OP4 C . 18.53 10.04 10.07
C28 OP4 C . 17.59 9.27 10.72
C8 OP4 C . 17.38 7.98 10.34
O1 OP4 C . 16.48 7.21 10.98
C9 OP4 C . 16.83 6.41 12.04
C12 OP4 C . 16.03 5.29 12.39
N2 OP4 C . 16.43 4.55 13.44
C11 OP4 C . 17.47 4.87 14.15
N1 OP4 C . 18.21 5.88 13.89
C10 OP4 C . 17.92 6.68 12.82
N3 OP4 C . 14.87 4.95 11.72
C15 OP4 C . 13.89 3.97 12.08
C14 OP4 C . 13.00 4.60 10.99
C13 OP4 C . 14.10 5.59 10.62
C27 OP4 C . 12.69 3.63 9.86
C26 OP4 C . 11.70 2.54 10.24
N4 OP4 C . 10.40 3.12 10.82
C17 OP4 C . 10.69 4.05 11.94
C16 OP4 C . 11.68 5.16 11.55
C18 OP4 C . 9.61 1.93 11.22
C19 OP4 C . 8.20 2.42 11.74
C24 OP4 C . 7.35 1.25 12.12
C23 OP4 C . 5.89 1.57 12.54
C22 OP4 C . 5.17 2.56 11.60
C21 OP4 C . 6.09 3.78 11.37
C20 OP4 C . 7.47 3.35 10.79
N5 OP4 C . 3.94 2.90 12.31
S OP4 C . 2.65 3.06 11.38
O2 OP4 C . 1.52 3.44 12.20
O3 OP4 C . 2.32 1.73 10.90
C25 OP4 C . 2.90 4.01 10.06
F OP4 D . -21.39 -3.88 -10.37
C30 OP4 D . -20.18 -4.46 -10.56
C31 OP4 D . -19.53 -5.09 -9.50
C7 OP4 D . -18.36 -5.74 -9.74
C6 OP4 D . -17.51 -6.38 -8.68
O OP4 D . -16.71 -5.60 -8.25
N OP4 D . -17.68 -7.64 -8.24
C3 OP4 D . -18.68 -8.47 -8.84
C5 OP4 D . -19.85 -8.62 -7.86
C4 OP4 D . -18.15 -9.82 -9.35
C1 OP4 D . -16.91 -8.19 -7.04
C2 OP4 D . -17.17 -7.36 -5.80
C OP4 D . -15.44 -8.37 -7.32
C29 OP4 D . -19.67 -4.51 -11.88
C28 OP4 D . -18.43 -5.12 -12.13
C8 OP4 D . -17.81 -5.76 -11.08
O1 OP4 D . -16.61 -6.32 -11.26
C9 OP4 D . -16.55 -7.62 -11.79
C12 OP4 D . -15.34 -8.37 -11.56
N2 OP4 D . -15.29 -9.62 -12.07
C11 OP4 D . -16.34 -10.12 -12.69
N1 OP4 D . -17.49 -9.46 -12.87
C10 OP4 D . -17.62 -8.21 -12.45
N3 OP4 D . -14.24 -7.87 -10.96
C15 OP4 D . -12.89 -8.43 -10.90
C14 OP4 D . -12.47 -7.05 -10.47
C13 OP4 D . -13.89 -6.50 -10.56
C27 OP4 D . -11.90 -7.08 -9.04
C26 OP4 D . -10.54 -7.71 -8.91
N4 OP4 D . -9.55 -7.05 -9.80
C17 OP4 D . -10.08 -6.96 -11.21
C16 OP4 D . -11.47 -6.38 -11.33
C18 OP4 D . -8.28 -7.81 -9.73
C19 OP4 D . -7.15 -7.23 -10.59
C24 OP4 D . -5.88 -8.01 -10.29
C23 OP4 D . -4.71 -7.40 -11.08
C22 OP4 D . -4.50 -5.91 -10.80
C21 OP4 D . -5.77 -5.20 -11.17
C20 OP4 D . -6.95 -5.74 -10.37
N5 OP4 D . -3.37 -5.49 -11.73
S OP4 D . -2.34 -4.43 -11.19
O2 OP4 D . -1.47 -4.00 -12.33
O3 OP4 D . -1.56 -5.06 -10.08
C25 OP4 D . -3.10 -3.18 -10.66
#